data_2QPQ
#
_entry.id   2QPQ
#
_cell.length_a   72.390
_cell.length_b   82.310
_cell.length_c   87.470
_cell.angle_alpha   90.00
_cell.angle_beta   95.35
_cell.angle_gamma   90.00
#
_symmetry.space_group_name_H-M   'P 1 21 1'
#
loop_
_entity.id
_entity.type
_entity.pdbx_description
1 polymer 'protein Bug27'
2 non-polymer 'CITRIC ACID'
3 water water
#
_entity_poly.entity_id   1
_entity_poly.type   'polypeptide(L)'
_entity_poly.pdbx_seq_one_letter_code
;ATGDFPNKPLDIIVTFPPGGGTDMLARLIGNYLTESLGQTAVVENRPGASGNVGARLVADRAPDGYSLLMVNSSFAVNPG
VFRNLPFDPKKDFAAVINVAYVPSVFVVPAGSKYKTLGELMAAAKQTNTQVTYGSCGNGTPQHLAGELLNVSAKTHMVHV
PYKGCGPALNDVLGSQIGLAVVTASSAIPFIKAGKLQALAVTSKERSALLPEVPTVAEQGVAGYELNQWHGLLVPGATPM
AVRQKLYDGIAKVMQRDDVQKKLADLGYSTASDGPEVFQKMVETDIDRFSALTKQIGLKVD
;
_entity_poly.pdbx_strand_id   A,B,C
#
loop_
_chem_comp.id
_chem_comp.type
_chem_comp.name
_chem_comp.formula
CIT non-polymer 'CITRIC ACID' 'C6 H8 O7'
#
# COMPACT_ATOMS: atom_id res chain seq x y z
N PRO A 6 26.72 37.48 -3.86
CA PRO A 6 27.13 36.06 -3.73
C PRO A 6 28.68 35.80 -3.74
N ASN A 7 29.29 35.45 -2.58
CA ASN A 7 30.77 35.34 -2.44
C ASN A 7 31.34 33.98 -1.93
N LYS A 8 30.43 33.04 -1.68
CA LYS A 8 30.75 31.67 -1.43
C LYS A 8 29.61 30.90 -2.12
N PRO A 9 29.69 29.55 -2.16
CA PRO A 9 28.60 28.78 -2.76
C PRO A 9 27.27 29.09 -2.09
N LEU A 10 26.18 29.00 -2.86
CA LEU A 10 24.85 28.89 -2.28
C LEU A 10 24.63 27.42 -1.89
N ASP A 11 23.75 27.21 -0.93
CA ASP A 11 23.42 25.88 -0.46
C ASP A 11 21.91 25.78 -0.62
N ILE A 12 21.46 24.98 -1.58
CA ILE A 12 20.04 24.88 -1.88
C ILE A 12 19.61 23.54 -1.29
N ILE A 13 18.70 23.60 -0.34
CA ILE A 13 18.30 22.38 0.38
C ILE A 13 16.98 21.94 -0.18
N VAL A 14 16.96 20.75 -0.78
CA VAL A 14 15.74 20.25 -1.42
C VAL A 14 14.94 19.39 -0.43
N THR A 15 13.64 19.65 -0.34
CA THR A 15 12.75 19.04 0.67
C THR A 15 12.25 17.69 0.22
N PHE A 16 12.55 17.33 -1.02
CA PHE A 16 12.10 16.02 -1.57
C PHE A 16 13.26 15.29 -2.21
N PRO A 17 13.12 13.96 -2.36
CA PRO A 17 14.27 13.25 -2.85
C PRO A 17 14.47 13.32 -4.38
N PRO A 18 15.65 12.90 -4.88
CA PRO A 18 15.80 12.79 -6.33
C PRO A 18 14.72 11.94 -6.98
N GLY A 19 14.34 12.32 -8.20
CA GLY A 19 13.37 11.55 -8.99
C GLY A 19 12.08 12.29 -9.15
N GLY A 20 11.88 13.34 -8.34
CA GLY A 20 10.67 14.14 -8.45
C GLY A 20 10.92 15.53 -9.04
N GLY A 21 9.84 16.27 -9.29
CA GLY A 21 9.96 17.59 -9.93
C GLY A 21 10.69 18.62 -9.08
N THR A 22 10.51 18.57 -7.76
CA THR A 22 11.15 19.54 -6.87
C THR A 22 12.68 19.46 -6.98
N ASP A 23 13.20 18.24 -6.92
CA ASP A 23 14.66 18.00 -7.04
C ASP A 23 15.12 18.39 -8.46
N MET A 24 14.31 18.07 -9.44
CA MET A 24 14.69 18.31 -10.86
C MET A 24 14.87 19.84 -11.06
N LEU A 25 13.89 20.61 -10.62
CA LEU A 25 13.95 22.06 -10.74
C LEU A 25 15.09 22.69 -9.93
N ALA A 26 15.27 22.24 -8.69
CA ALA A 26 16.42 22.71 -7.90
C ALA A 26 17.75 22.46 -8.62
N ARG A 27 17.93 21.25 -9.17
CA ARG A 27 19.17 20.90 -9.86
C ARG A 27 19.33 21.66 -11.19
N LEU A 28 18.19 21.92 -11.87
CA LEU A 28 18.19 22.71 -13.11
C LEU A 28 18.63 24.15 -12.80
N ILE A 29 17.98 24.76 -11.80
CA ILE A 29 18.37 26.08 -11.31
C ILE A 29 19.84 26.13 -10.88
N GLY A 30 20.25 25.16 -10.08
CA GLY A 30 21.58 25.13 -9.50
C GLY A 30 22.69 25.12 -10.54
N ASN A 31 22.46 24.33 -11.60
CA ASN A 31 23.27 24.23 -12.81
C ASN A 31 23.53 25.56 -13.51
N TYR A 32 22.48 26.31 -13.82
CA TYR A 32 22.61 27.58 -14.50
C TYR A 32 22.99 28.75 -13.59
N LEU A 33 22.67 28.64 -12.31
CA LEU A 33 23.03 29.62 -11.30
C LEU A 33 24.53 29.55 -11.05
N THR A 34 25.09 28.33 -11.01
CA THR A 34 26.54 28.12 -10.90
C THR A 34 27.28 28.84 -12.04
N GLU A 35 26.78 28.62 -13.25
CA GLU A 35 27.26 29.30 -14.45
C GLU A 35 27.25 30.82 -14.29
N SER A 36 26.06 31.41 -14.15
CA SER A 36 25.95 32.81 -13.80
C SER A 36 26.48 33.05 -12.39
N LEU A 37 26.62 34.33 -12.01
CA LEU A 37 27.10 34.73 -10.65
C LEU A 37 28.27 33.97 -9.95
N GLY A 38 28.84 32.94 -10.56
CA GLY A 38 30.24 32.55 -10.30
C GLY A 38 30.67 31.75 -9.07
N GLN A 39 29.70 31.11 -8.42
CA GLN A 39 29.96 30.21 -7.29
C GLN A 39 29.00 29.04 -7.43
N THR A 40 29.39 27.88 -6.90
CA THR A 40 28.59 26.68 -6.98
C THR A 40 27.35 26.87 -6.16
N ALA A 41 26.19 26.67 -6.78
CA ALA A 41 24.96 26.49 -6.04
C ALA A 41 24.91 25.02 -5.73
N VAL A 42 25.43 24.62 -4.57
CA VAL A 42 25.37 23.23 -4.14
C VAL A 42 23.93 22.85 -3.85
N VAL A 43 23.46 21.79 -4.50
CA VAL A 43 22.10 21.29 -4.28
C VAL A 43 22.18 20.01 -3.47
N GLU A 44 21.43 19.95 -2.37
CA GLU A 44 21.43 18.76 -1.57
C GLU A 44 20.02 18.39 -1.13
N ASN A 45 19.71 17.11 -1.09
CA ASN A 45 18.38 16.68 -0.67
C ASN A 45 18.42 16.40 0.81
N ARG A 46 17.47 17.00 1.54
CA ARG A 46 17.25 16.71 2.95
C ARG A 46 15.76 16.45 3.15
N PRO A 47 15.27 15.28 2.68
CA PRO A 47 13.84 15.05 2.56
C PRO A 47 13.07 14.50 3.77
N GLY A 48 13.76 14.26 4.88
CA GLY A 48 13.11 13.68 6.06
C GLY A 48 11.87 14.40 6.50
N ALA A 49 10.87 13.60 6.89
CA ALA A 49 9.59 14.06 7.48
C ALA A 49 8.90 15.04 6.53
N SER A 50 8.71 14.59 5.29
CA SER A 50 8.02 15.38 4.25
C SER A 50 8.63 16.76 4.01
N GLY A 51 9.93 16.90 4.25
CA GLY A 51 10.62 18.14 3.99
C GLY A 51 10.89 18.90 5.28
N ASN A 52 10.37 18.43 6.41
CA ASN A 52 10.53 19.19 7.68
C ASN A 52 11.97 19.26 8.15
N VAL A 53 12.75 18.22 7.80
CA VAL A 53 14.15 18.20 8.25
C VAL A 53 14.86 19.32 7.51
N GLY A 54 14.69 19.37 6.20
CA GLY A 54 15.31 20.41 5.39
C GLY A 54 14.82 21.81 5.79
N ALA A 55 13.51 21.93 6.05
CA ALA A 55 12.95 23.21 6.45
C ALA A 55 13.57 23.70 7.77
N ARG A 56 13.66 22.82 8.77
CA ARG A 56 14.21 23.24 10.06
C ARG A 56 15.67 23.68 9.90
N LEU A 57 16.40 22.98 9.05
CA LEU A 57 17.78 23.29 8.77
C LEU A 57 17.89 24.73 8.22
N VAL A 58 17.15 25.03 7.15
CA VAL A 58 17.19 26.38 6.62
C VAL A 58 16.68 27.45 7.58
N ALA A 59 15.60 27.19 8.31
CA ALA A 59 15.07 28.12 9.35
C ALA A 59 16.18 28.60 10.29
N ASP A 60 17.18 27.75 10.51
CA ASP A 60 18.25 28.04 11.47
C ASP A 60 19.49 28.64 10.84
N ARG A 61 19.53 28.76 9.52
CA ARG A 61 20.65 29.39 8.84
C ARG A 61 20.55 30.92 8.85
N ALA A 62 21.70 31.58 8.62
CA ALA A 62 21.79 33.02 8.55
C ALA A 62 20.86 33.52 7.44
N PRO A 63 20.23 34.69 7.66
CA PRO A 63 19.35 35.30 6.64
C PRO A 63 20.13 36.14 5.63
N ASP A 64 21.11 35.51 4.97
CA ASP A 64 22.08 36.25 4.15
C ASP A 64 21.97 35.89 2.67
N GLY A 65 21.03 35.00 2.37
CA GLY A 65 20.87 34.58 1.00
C GLY A 65 21.66 33.38 0.53
N TYR A 66 22.50 32.81 1.39
CA TYR A 66 23.37 31.71 0.99
C TYR A 66 22.76 30.33 1.27
N SER A 67 21.63 30.34 1.95
CA SER A 67 20.92 29.11 2.32
C SER A 67 19.49 29.26 1.83
N LEU A 68 19.09 28.34 0.97
CA LEU A 68 17.76 28.39 0.39
C LEU A 68 17.09 27.03 0.55
N LEU A 69 15.77 27.04 0.53
CA LEU A 69 14.98 25.83 0.68
C LEU A 69 14.16 25.66 -0.58
N MET A 70 14.37 24.55 -1.30
CA MET A 70 13.52 24.25 -2.46
C MET A 70 12.27 23.52 -2.00
N VAL A 71 11.11 24.11 -2.25
CA VAL A 71 9.82 23.62 -1.73
C VAL A 71 8.83 23.32 -2.85
N ASN A 72 7.86 22.50 -2.52
CA ASN A 72 6.63 22.49 -3.29
C ASN A 72 5.46 22.69 -2.32
N SER A 73 4.24 22.65 -2.86
CA SER A 73 3.01 22.82 -2.05
C SER A 73 2.95 22.01 -0.76
N SER A 74 3.58 20.84 -0.74
CA SER A 74 3.75 20.04 0.48
C SER A 74 4.14 20.91 1.68
N PHE A 75 5.04 21.88 1.45
CA PHE A 75 5.43 22.80 2.52
C PHE A 75 4.20 23.46 3.16
N ALA A 76 3.22 23.83 2.34
CA ALA A 76 2.00 24.47 2.89
C ALA A 76 1.04 23.46 3.52
N VAL A 77 1.18 22.18 3.16
CA VAL A 77 0.34 21.12 3.75
C VAL A 77 0.81 20.74 5.14
N ASN A 78 2.13 20.77 5.32
CA ASN A 78 2.72 20.26 6.54
C ASN A 78 2.26 20.86 7.88
N PRO A 79 2.03 22.20 7.95
CA PRO A 79 1.61 22.74 9.22
C PRO A 79 0.29 22.13 9.73
N GLY A 80 -0.63 21.75 8.83
CA GLY A 80 -1.91 21.18 9.24
C GLY A 80 -1.84 19.71 9.62
N VAL A 81 -0.82 18.99 9.18
CA VAL A 81 -0.76 17.53 9.31
C VAL A 81 0.34 17.01 10.23
N PHE A 82 1.23 17.90 10.68
CA PHE A 82 2.18 17.56 11.70
C PHE A 82 1.75 18.12 13.02
N ARG A 83 1.78 17.29 14.06
CA ARG A 83 1.31 17.67 15.41
C ARG A 83 2.16 18.77 16.03
N ASN A 84 3.48 18.67 15.85
CA ASN A 84 4.42 19.60 16.49
C ASN A 84 5.52 20.06 15.54
N LEU A 85 5.17 20.88 14.56
CA LEU A 85 6.17 21.41 13.61
C LEU A 85 7.22 22.18 14.35
N PRO A 86 8.50 21.90 14.09
CA PRO A 86 9.64 22.47 14.82
C PRO A 86 10.07 23.88 14.36
N PHE A 87 9.17 24.60 13.69
CA PHE A 87 9.42 25.95 13.20
C PHE A 87 8.09 26.62 12.94
N ASP A 88 8.13 27.92 12.71
CA ASP A 88 6.92 28.67 12.34
C ASP A 88 6.97 28.77 10.82
N PRO A 89 6.06 28.07 10.12
CA PRO A 89 6.15 27.96 8.67
C PRO A 89 5.83 29.28 7.95
N LYS A 90 5.20 30.22 8.65
CA LYS A 90 5.04 31.57 8.11
C LYS A 90 6.22 32.48 8.50
N LYS A 91 6.52 32.62 9.78
CA LYS A 91 7.52 33.62 10.18
C LYS A 91 8.96 33.22 9.86
N ASP A 92 9.22 31.91 9.88
CA ASP A 92 10.62 31.48 9.83
C ASP A 92 11.20 31.36 8.41
N PHE A 93 10.39 31.68 7.42
CA PHE A 93 10.74 31.59 6.01
C PHE A 93 10.18 32.80 5.27
N ALA A 94 10.89 33.20 4.21
CA ALA A 94 10.49 34.28 3.33
C ALA A 94 10.65 33.78 1.90
N ALA A 95 9.66 34.06 1.10
CA ALA A 95 9.64 33.55 -0.27
C ALA A 95 10.54 34.34 -1.19
N VAL A 96 11.14 33.64 -2.15
CA VAL A 96 11.98 34.27 -3.18
C VAL A 96 11.32 34.21 -4.54
N ILE A 97 10.99 33.00 -4.95
CA ILE A 97 10.42 32.82 -6.30
C ILE A 97 9.68 31.52 -6.41
N ASN A 98 8.51 31.56 -7.07
CA ASN A 98 7.84 30.37 -7.55
C ASN A 98 8.12 30.19 -9.02
N VAL A 99 8.74 29.06 -9.38
CA VAL A 99 9.25 28.82 -10.75
C VAL A 99 8.38 27.92 -11.67
N ALA A 100 7.45 27.18 -11.09
CA ALA A 100 6.65 26.23 -11.87
C ALA A 100 5.45 25.71 -11.11
N TYR A 101 4.39 25.50 -11.85
CA TYR A 101 3.24 24.76 -11.33
C TYR A 101 3.21 23.42 -12.03
N VAL A 102 2.62 22.42 -11.37
CA VAL A 102 2.20 21.23 -12.09
C VAL A 102 0.85 20.79 -11.55
N PRO A 103 -0.12 20.61 -12.44
CA PRO A 103 -1.36 20.06 -11.91
C PRO A 103 -1.20 18.57 -11.53
N SER A 104 -2.08 18.10 -10.64
CA SER A 104 -2.29 16.65 -10.51
C SER A 104 -3.30 16.13 -11.52
N VAL A 105 -3.27 14.82 -11.73
CA VAL A 105 -4.18 14.20 -12.66
C VAL A 105 -4.75 12.94 -12.06
N PHE A 106 -6.07 12.76 -12.22
CA PHE A 106 -6.73 11.52 -11.88
C PHE A 106 -6.55 10.56 -13.06
N VAL A 107 -5.79 9.49 -12.85
CA VAL A 107 -5.50 8.52 -13.92
C VAL A 107 -6.03 7.11 -13.57
N VAL A 108 -6.45 6.43 -14.62
CA VAL A 108 -6.98 5.07 -14.52
C VAL A 108 -6.24 4.20 -15.57
N PRO A 109 -6.20 2.87 -15.35
CA PRO A 109 -5.59 1.98 -16.32
C PRO A 109 -6.29 2.07 -17.67
N ALA A 110 -5.52 1.82 -18.72
CA ALA A 110 -6.09 1.52 -20.06
C ALA A 110 -7.19 0.49 -19.89
N GLY A 111 -8.34 0.80 -20.50
CA GLY A 111 -9.51 -0.07 -20.46
C GLY A 111 -10.31 -0.07 -19.18
N SER A 112 -10.04 0.90 -18.29
CA SER A 112 -10.83 1.05 -17.05
C SER A 112 -12.32 1.32 -17.32
N LYS A 113 -13.19 0.82 -16.43
CA LYS A 113 -14.62 1.11 -16.49
C LYS A 113 -14.94 2.59 -16.29
N TYR A 114 -14.01 3.35 -15.73
CA TYR A 114 -14.24 4.78 -15.50
C TYR A 114 -13.74 5.55 -16.69
N LYS A 115 -14.71 6.07 -17.43
CA LYS A 115 -14.47 6.79 -18.66
C LYS A 115 -14.39 8.31 -18.43
N THR A 116 -15.07 8.78 -17.37
CA THR A 116 -15.07 10.21 -17.05
C THR A 116 -14.94 10.35 -15.54
N LEU A 117 -14.59 11.54 -15.08
CA LEU A 117 -14.63 11.83 -13.65
C LEU A 117 -16.01 11.65 -13.06
N GLY A 118 -17.07 11.94 -13.84
CA GLY A 118 -18.44 11.85 -13.36
C GLY A 118 -18.83 10.43 -12.98
N GLU A 119 -18.38 9.47 -13.77
CA GLU A 119 -18.56 8.04 -13.51
C GLU A 119 -17.86 7.60 -12.22
N LEU A 120 -16.66 8.14 -12.00
CA LEU A 120 -15.89 7.83 -10.79
C LEU A 120 -16.65 8.33 -9.55
N MET A 121 -17.07 9.60 -9.61
CA MET A 121 -17.78 10.23 -8.50
C MET A 121 -19.12 9.52 -8.17
N ALA A 122 -19.88 9.15 -9.20
CA ALA A 122 -21.07 8.30 -9.06
C ALA A 122 -20.71 7.00 -8.32
N ALA A 123 -19.64 6.32 -8.77
CA ALA A 123 -19.21 5.05 -8.16
C ALA A 123 -18.88 5.21 -6.68
N ALA A 124 -18.36 6.37 -6.33
CA ALA A 124 -17.91 6.64 -4.96
C ALA A 124 -18.87 7.48 -4.11
N LYS A 125 -20.06 7.77 -4.63
CA LYS A 125 -21.02 8.61 -3.89
C LYS A 125 -21.37 8.06 -2.51
N GLN A 126 -21.67 6.76 -2.39
CA GLN A 126 -22.06 6.13 -1.09
C GLN A 126 -20.85 5.76 -0.17
N THR A 127 -21.11 5.64 1.14
CA THR A 127 -20.13 5.72 2.31
C THR A 127 -19.05 4.64 2.60
N ASN A 128 -19.45 3.63 3.37
CA ASN A 128 -18.83 2.36 3.17
C ASN A 128 -19.13 2.26 1.65
N THR A 129 -18.30 1.46 0.97
CA THR A 129 -17.89 1.49 -0.48
C THR A 129 -16.34 1.47 -0.59
N GLN A 130 -15.89 0.98 -1.77
CA GLN A 130 -14.53 0.48 -1.98
C GLN A 130 -13.77 1.06 -3.20
N VAL A 131 -14.06 2.30 -3.58
CA VAL A 131 -13.27 2.97 -4.62
C VAL A 131 -12.01 3.56 -3.95
N THR A 132 -10.85 2.97 -4.25
CA THR A 132 -9.59 3.40 -3.67
C THR A 132 -8.89 4.22 -4.72
N TYR A 133 -8.07 5.17 -4.28
CA TYR A 133 -7.21 5.89 -5.17
C TYR A 133 -5.82 5.92 -4.60
N GLY A 134 -4.84 5.63 -5.43
CA GLY A 134 -3.44 5.81 -5.02
C GLY A 134 -3.05 7.28 -5.01
N SER A 135 -2.03 7.65 -4.23
CA SER A 135 -1.42 8.97 -4.36
C SER A 135 0.08 8.84 -4.24
N CYS A 136 0.78 9.96 -4.42
CA CYS A 136 2.23 10.09 -4.31
C CYS A 136 2.70 10.08 -2.82
N GLY A 137 1.77 10.00 -1.87
CA GLY A 137 2.14 9.89 -0.47
C GLY A 137 1.15 10.51 0.48
N ASN A 138 1.16 9.99 1.69
CA ASN A 138 0.35 10.53 2.77
C ASN A 138 0.72 12.00 3.02
N GLY A 139 -0.28 12.89 2.93
CA GLY A 139 -0.08 14.32 3.18
C GLY A 139 0.46 15.08 1.96
N THR A 140 0.59 14.40 0.83
CA THR A 140 1.03 15.10 -0.40
C THR A 140 -0.13 15.93 -0.99
N PRO A 141 0.18 16.94 -1.84
CA PRO A 141 -0.85 17.64 -2.54
C PRO A 141 -1.74 16.66 -3.36
N GLN A 142 -1.17 15.55 -3.78
CA GLN A 142 -1.92 14.53 -4.59
C GLN A 142 -2.94 13.84 -3.69
N HIS A 143 -2.47 13.40 -2.53
CA HIS A 143 -3.39 12.93 -1.48
C HIS A 143 -4.49 13.96 -1.21
N LEU A 144 -4.12 15.21 -0.96
CA LEU A 144 -5.13 16.22 -0.67
C LEU A 144 -6.08 16.51 -1.85
N ALA A 145 -5.61 16.40 -3.09
CA ALA A 145 -6.49 16.55 -4.25
C ALA A 145 -7.65 15.53 -4.20
N GLY A 146 -7.36 14.30 -3.80
CA GLY A 146 -8.43 13.24 -3.71
C GLY A 146 -9.34 13.54 -2.53
N GLU A 147 -8.77 13.96 -1.41
CA GLU A 147 -9.60 14.31 -0.27
C GLU A 147 -10.45 15.56 -0.53
N LEU A 148 -9.90 16.53 -1.26
CA LEU A 148 -10.67 17.71 -1.61
C LEU A 148 -11.83 17.34 -2.50
N LEU A 149 -11.60 16.43 -3.43
CA LEU A 149 -12.71 15.97 -4.25
C LEU A 149 -13.80 15.30 -3.39
N ASN A 150 -13.38 14.44 -2.46
CA ASN A 150 -14.32 13.77 -1.53
C ASN A 150 -15.18 14.79 -0.80
N VAL A 151 -14.53 15.78 -0.22
CA VAL A 151 -15.19 16.82 0.57
C VAL A 151 -16.11 17.67 -0.34
N SER A 152 -15.62 18.04 -1.53
CA SER A 152 -16.36 18.95 -2.42
C SER A 152 -17.46 18.26 -3.19
N ALA A 153 -17.24 17.02 -3.57
CA ALA A 153 -18.22 16.28 -4.38
C ALA A 153 -19.07 15.36 -3.50
N LYS A 154 -18.78 15.39 -2.20
CA LYS A 154 -19.36 14.48 -1.19
C LYS A 154 -19.24 13.00 -1.58
N THR A 155 -18.01 12.58 -1.86
CA THR A 155 -17.77 11.20 -2.24
C THR A 155 -16.95 10.50 -1.14
N HIS A 156 -16.76 9.19 -1.32
CA HIS A 156 -16.11 8.38 -0.30
C HIS A 156 -14.97 7.49 -0.82
N MET A 157 -14.12 8.08 -1.66
CA MET A 157 -12.95 7.37 -2.18
C MET A 157 -11.99 7.15 -1.03
N VAL A 158 -11.31 5.99 -1.05
CA VAL A 158 -10.39 5.60 0.02
C VAL A 158 -8.94 5.76 -0.44
N HIS A 159 -8.18 6.56 0.30
CA HIS A 159 -6.81 6.88 -0.10
C HIS A 159 -5.86 5.73 0.22
N VAL A 160 -5.07 5.36 -0.78
CA VAL A 160 -4.03 4.38 -0.56
C VAL A 160 -2.70 5.07 -0.95
N PRO A 161 -1.82 5.31 0.05
CA PRO A 161 -0.63 6.07 -0.27
C PRO A 161 0.46 5.19 -0.87
N TYR A 162 1.24 5.80 -1.76
CA TYR A 162 2.46 5.19 -2.28
C TYR A 162 3.69 6.03 -1.93
N LYS A 163 4.85 5.41 -2.02
CA LYS A 163 6.08 6.11 -1.74
C LYS A 163 6.53 6.84 -3.02
N GLY A 164 5.83 7.93 -3.34
CA GLY A 164 6.12 8.72 -4.52
C GLY A 164 5.25 8.34 -5.71
N CYS A 165 5.37 9.11 -6.77
CA CYS A 165 4.53 8.94 -7.94
C CYS A 165 4.89 7.70 -8.75
N GLY A 166 6.18 7.33 -8.72
CA GLY A 166 6.66 6.16 -9.47
C GLY A 166 5.97 4.88 -9.07
N PRO A 167 6.02 4.53 -7.76
CA PRO A 167 5.23 3.36 -7.33
C PRO A 167 3.70 3.44 -7.53
N ALA A 168 3.10 4.63 -7.36
CA ALA A 168 1.65 4.77 -7.61
C ALA A 168 1.35 4.43 -9.06
N LEU A 169 2.10 5.05 -9.98
CA LEU A 169 1.94 4.76 -11.38
C LEU A 169 2.12 3.29 -11.76
N ASN A 170 3.12 2.61 -11.20
CA ASN A 170 3.27 1.18 -11.41
C ASN A 170 2.02 0.38 -11.09
N ASP A 171 1.38 0.72 -9.98
CA ASP A 171 0.17 -0.05 -9.61
C ASP A 171 -1.09 0.28 -10.46
N VAL A 172 -1.20 1.52 -10.92
CA VAL A 172 -2.29 1.82 -11.83
C VAL A 172 -1.98 1.27 -13.23
N LEU A 173 -0.73 1.38 -13.66
CA LEU A 173 -0.27 0.74 -14.89
C LEU A 173 -0.54 -0.74 -14.98
N GLY A 174 -0.42 -1.45 -13.85
CA GLY A 174 -0.65 -2.89 -13.78
C GLY A 174 -2.07 -3.26 -13.34
N SER A 175 -2.94 -2.27 -13.18
CA SER A 175 -4.31 -2.47 -12.63
C SER A 175 -4.40 -3.07 -11.22
N GLN A 176 -3.31 -2.96 -10.47
CA GLN A 176 -3.32 -3.41 -9.10
C GLN A 176 -4.10 -2.42 -8.27
N ILE A 177 -4.23 -1.19 -8.77
CA ILE A 177 -5.17 -0.23 -8.20
C ILE A 177 -5.91 0.41 -9.38
N GLY A 178 -7.18 0.75 -9.17
CA GLY A 178 -8.04 1.26 -10.24
C GLY A 178 -7.92 2.74 -10.57
N LEU A 179 -7.21 3.46 -9.72
CA LEU A 179 -7.19 4.89 -9.83
C LEU A 179 -6.02 5.44 -9.00
N ALA A 180 -5.42 6.52 -9.48
CA ALA A 180 -4.47 7.26 -8.68
C ALA A 180 -4.50 8.74 -9.02
N VAL A 181 -4.05 9.51 -8.06
CA VAL A 181 -3.79 10.92 -8.28
C VAL A 181 -2.28 11.15 -8.21
N VAL A 182 -1.71 11.61 -9.33
CA VAL A 182 -0.28 11.81 -9.38
C VAL A 182 -0.02 13.15 -10.08
N THR A 183 1.23 13.58 -10.14
CA THR A 183 1.51 14.81 -10.87
C THR A 183 1.32 14.54 -12.35
N ALA A 184 0.78 15.54 -13.05
CA ALA A 184 0.73 15.52 -14.51
C ALA A 184 2.07 15.15 -15.20
N SER A 185 3.16 15.70 -14.71
CA SER A 185 4.49 15.45 -15.26
C SER A 185 4.92 13.95 -15.23
N SER A 186 4.68 13.27 -14.10
CA SER A 186 4.89 11.81 -14.02
C SER A 186 4.01 11.01 -14.98
N ALA A 187 2.77 11.44 -15.15
CA ALA A 187 1.75 10.63 -15.83
C ALA A 187 1.73 10.83 -17.33
N ILE A 188 2.12 12.04 -17.76
CA ILE A 188 1.91 12.43 -19.17
C ILE A 188 2.51 11.42 -20.16
N PRO A 189 3.77 10.97 -19.98
CA PRO A 189 4.25 9.97 -20.95
C PRO A 189 3.36 8.73 -21.12
N PHE A 190 2.74 8.28 -20.03
CA PHE A 190 1.91 7.07 -20.05
C PHE A 190 0.56 7.31 -20.66
N ILE A 191 0.05 8.52 -20.43
CA ILE A 191 -1.22 8.94 -20.98
C ILE A 191 -1.08 9.06 -22.50
N LYS A 192 -0.02 9.69 -22.97
CA LYS A 192 0.26 9.77 -24.45
C LYS A 192 0.40 8.40 -25.11
N ALA A 193 1.11 7.51 -24.42
CA ALA A 193 1.29 6.11 -24.82
C ALA A 193 0.00 5.28 -24.80
N GLY A 194 -1.07 5.84 -24.22
CA GLY A 194 -2.34 5.16 -24.04
C GLY A 194 -2.31 4.02 -23.03
N LYS A 195 -1.31 4.03 -22.15
CA LYS A 195 -1.25 3.03 -21.09
C LYS A 195 -2.14 3.44 -19.91
N LEU A 196 -2.39 4.73 -19.81
CA LEU A 196 -3.31 5.28 -18.81
C LEU A 196 -4.28 6.20 -19.50
N GLN A 197 -5.42 6.41 -18.85
CA GLN A 197 -6.40 7.37 -19.24
C GLN A 197 -6.54 8.40 -18.12
N ALA A 198 -6.62 9.68 -18.49
CA ALA A 198 -6.79 10.76 -17.53
C ALA A 198 -8.25 11.23 -17.43
N LEU A 199 -8.79 11.20 -16.21
CA LEU A 199 -10.15 11.62 -15.96
C LEU A 199 -10.32 13.15 -15.76
N ALA A 200 -9.33 13.76 -15.13
CA ALA A 200 -9.34 15.20 -14.82
C ALA A 200 -7.96 15.65 -14.46
N VAL A 201 -7.74 16.95 -14.63
CA VAL A 201 -6.63 17.67 -14.04
C VAL A 201 -7.13 18.57 -12.92
N THR A 202 -6.30 18.82 -11.91
CA THR A 202 -6.72 19.56 -10.72
C THR A 202 -6.50 21.07 -10.81
N SER A 203 -5.90 21.56 -11.88
CA SER A 203 -5.74 23.00 -12.05
C SER A 203 -7.08 23.66 -12.46
N LYS A 204 -7.08 24.98 -12.42
CA LYS A 204 -8.21 25.84 -12.75
C LYS A 204 -8.50 25.78 -14.24
N GLU A 205 -7.45 25.67 -15.04
CA GLU A 205 -7.60 25.48 -16.50
C GLU A 205 -6.82 24.23 -16.90
N ARG A 206 -7.18 23.59 -18.02
CA ARG A 206 -6.37 22.51 -18.64
C ARG A 206 -4.97 23.16 -18.82
N SER A 207 -3.79 22.52 -18.77
CA SER A 207 -3.17 21.42 -19.59
C SER A 207 -3.53 21.29 -21.07
N ALA A 208 -2.97 22.09 -21.99
CA ALA A 208 -1.52 22.29 -22.27
C ALA A 208 -1.15 21.00 -23.01
N LEU A 209 -0.62 19.99 -22.32
CA LEU A 209 -0.32 18.72 -22.97
C LEU A 209 -1.47 17.71 -22.96
N LEU A 210 -2.56 18.07 -22.29
CA LEU A 210 -3.72 17.21 -22.21
C LEU A 210 -4.98 18.04 -22.49
N PRO A 211 -5.06 18.61 -23.72
CA PRO A 211 -6.16 19.55 -23.98
C PRO A 211 -7.55 18.90 -23.99
N GLU A 212 -7.62 17.60 -24.24
CA GLU A 212 -8.87 16.84 -24.18
C GLU A 212 -9.19 16.31 -22.78
N VAL A 213 -8.32 16.58 -21.81
CA VAL A 213 -8.68 16.22 -20.41
C VAL A 213 -9.22 17.41 -19.60
N PRO A 214 -10.47 17.30 -19.17
CA PRO A 214 -11.15 18.38 -18.47
C PRO A 214 -10.56 18.61 -17.06
N THR A 215 -10.75 19.81 -16.51
CA THR A 215 -10.42 20.07 -15.10
C THR A 215 -11.47 19.37 -14.24
N VAL A 216 -11.17 19.17 -12.95
CA VAL A 216 -12.19 18.74 -12.02
C VAL A 216 -13.37 19.76 -11.94
N ALA A 217 -13.02 21.05 -11.86
CA ALA A 217 -14.00 22.15 -11.74
C ALA A 217 -15.01 22.08 -12.86
N GLU A 218 -14.56 21.86 -14.10
CA GLU A 218 -15.48 21.82 -15.25
C GLU A 218 -16.32 20.55 -15.36
N GLN A 219 -16.23 19.67 -14.34
CA GLN A 219 -16.96 18.39 -14.32
C GLN A 219 -18.03 18.05 -13.22
N GLY A 220 -18.88 18.93 -12.69
CA GLY A 220 -18.63 20.24 -12.29
C GLY A 220 -18.55 20.11 -10.76
N VAL A 221 -17.36 20.40 -10.28
CA VAL A 221 -17.11 20.56 -8.87
C VAL A 221 -16.61 21.98 -8.85
N ALA A 222 -17.54 22.93 -8.86
CA ALA A 222 -17.18 24.35 -9.00
C ALA A 222 -16.23 24.84 -7.90
N GLY A 223 -15.26 25.67 -8.27
CA GLY A 223 -14.34 26.20 -7.29
C GLY A 223 -13.16 25.28 -6.93
N TYR A 224 -13.18 24.06 -7.44
CA TYR A 224 -12.10 23.08 -7.19
C TYR A 224 -10.83 23.50 -7.93
N GLU A 225 -9.73 23.66 -7.22
CA GLU A 225 -8.41 23.70 -7.84
C GLU A 225 -7.35 23.29 -6.85
N LEU A 226 -6.33 22.60 -7.34
CA LEU A 226 -5.19 22.29 -6.47
C LEU A 226 -3.95 22.12 -7.31
N ASN A 227 -3.36 23.25 -7.68
CA ASN A 227 -2.15 23.29 -8.48
C ASN A 227 -0.89 23.35 -7.59
N GLN A 228 0.04 22.44 -7.78
CA GLN A 228 1.25 22.40 -6.98
C GLN A 228 2.30 23.38 -7.51
N TRP A 229 2.76 24.26 -6.65
CA TRP A 229 3.85 25.20 -6.95
C TRP A 229 5.15 24.63 -6.45
N HIS A 230 6.23 25.23 -6.93
CA HIS A 230 7.60 24.77 -6.71
C HIS A 230 8.42 26.04 -6.67
N GLY A 231 9.12 26.26 -5.56
CA GLY A 231 9.89 27.47 -5.48
C GLY A 231 10.90 27.41 -4.41
N LEU A 232 11.51 28.59 -4.17
CA LEU A 232 12.60 28.72 -3.25
C LEU A 232 12.22 29.71 -2.16
N LEU A 233 12.54 29.33 -0.93
CA LEU A 233 12.40 30.19 0.26
C LEU A 233 13.78 30.42 0.88
N VAL A 234 13.86 31.41 1.77
CA VAL A 234 15.10 31.72 2.51
C VAL A 234 14.67 31.91 3.96
N PRO A 235 15.64 32.01 4.88
CA PRO A 235 15.23 32.29 6.25
C PRO A 235 14.37 33.59 6.31
N GLY A 236 13.36 33.56 7.19
CA GLY A 236 12.40 34.63 7.39
C GLY A 236 12.94 36.04 7.51
N ALA A 237 14.12 36.22 8.11
CA ALA A 237 14.69 37.58 8.30
C ALA A 237 15.51 38.08 7.10
N THR A 238 15.58 37.32 6.02
CA THR A 238 16.42 37.70 4.88
C THR A 238 15.88 38.99 4.29
N PRO A 239 16.70 40.05 4.23
CA PRO A 239 16.16 41.33 3.72
C PRO A 239 15.59 41.20 2.30
N MET A 240 14.62 42.03 1.99
CA MET A 240 14.05 42.03 0.67
C MET A 240 15.09 42.27 -0.39
N ALA A 241 16.09 43.11 -0.15
CA ALA A 241 17.12 43.34 -1.22
C ALA A 241 17.84 42.04 -1.61
N VAL A 242 18.09 41.20 -0.61
CA VAL A 242 18.67 39.87 -0.84
C VAL A 242 17.69 38.95 -1.59
N ARG A 243 16.44 38.90 -1.13
CA ARG A 243 15.39 38.12 -1.83
C ARG A 243 15.24 38.53 -3.29
N GLN A 244 15.34 39.83 -3.54
CA GLN A 244 15.22 40.38 -4.92
C GLN A 244 16.45 40.05 -5.76
N LYS A 245 17.61 40.08 -5.15
CA LYS A 245 18.84 39.67 -5.84
C LYS A 245 18.79 38.19 -6.28
N LEU A 246 18.37 37.33 -5.35
CA LEU A 246 18.12 35.94 -5.67
C LEU A 246 17.04 35.74 -6.71
N TYR A 247 15.88 36.39 -6.52
CA TYR A 247 14.80 36.41 -7.46
C TYR A 247 15.32 36.75 -8.86
N ASP A 248 16.10 37.82 -8.98
CA ASP A 248 16.51 38.34 -10.31
C ASP A 248 17.33 37.24 -11.04
N GLY A 249 18.25 36.64 -10.30
CA GLY A 249 19.14 35.62 -10.84
C GLY A 249 18.39 34.38 -11.29
N ILE A 250 17.49 33.92 -10.43
CA ILE A 250 16.72 32.71 -10.72
C ILE A 250 15.73 32.95 -11.86
N ALA A 251 15.12 34.12 -11.90
CA ALA A 251 14.17 34.46 -12.97
C ALA A 251 14.87 34.47 -14.31
N LYS A 252 16.13 34.95 -14.33
CA LYS A 252 16.95 34.90 -15.53
C LYS A 252 17.20 33.46 -16.04
N VAL A 253 17.48 32.54 -15.13
CA VAL A 253 17.54 31.12 -15.45
C VAL A 253 16.22 30.60 -16.03
N MET A 254 15.11 30.91 -15.38
CA MET A 254 13.82 30.42 -15.82
C MET A 254 13.44 30.95 -17.22
N GLN A 255 13.92 32.16 -17.52
CA GLN A 255 13.68 32.81 -18.82
C GLN A 255 14.42 32.17 -20.00
N ARG A 256 15.41 31.32 -19.74
CA ARG A 256 16.16 30.66 -20.81
C ARG A 256 15.21 29.89 -21.73
N ASP A 257 15.39 29.98 -23.06
CA ASP A 257 14.59 29.18 -24.02
C ASP A 257 14.71 27.69 -23.70
N ASP A 258 15.94 27.23 -23.45
CA ASP A 258 16.11 25.81 -23.28
C ASP A 258 15.37 25.31 -22.00
N VAL A 259 15.40 26.12 -20.95
CA VAL A 259 14.69 25.81 -19.71
C VAL A 259 13.20 25.78 -19.91
N GLN A 260 12.66 26.78 -20.61
CA GLN A 260 11.20 26.87 -20.84
C GLN A 260 10.68 25.66 -21.62
N LYS A 261 11.43 25.26 -22.64
CA LYS A 261 11.03 24.14 -23.51
C LYS A 261 10.99 22.84 -22.72
N LYS A 262 12.07 22.57 -21.99
CA LYS A 262 12.21 21.40 -21.15
C LYS A 262 11.02 21.26 -20.23
N LEU A 263 10.69 22.33 -19.52
CA LEU A 263 9.57 22.28 -18.57
C LEU A 263 8.24 22.08 -19.27
N ALA A 264 8.01 22.83 -20.34
CA ALA A 264 6.74 22.71 -21.03
C ALA A 264 6.56 21.29 -21.53
N ASP A 265 7.64 20.72 -22.07
CA ASP A 265 7.59 19.37 -22.65
C ASP A 265 7.18 18.36 -21.59
N LEU A 266 7.59 18.63 -20.34
CA LEU A 266 7.27 17.81 -19.16
C LEU A 266 5.87 18.02 -18.58
N GLY A 267 5.21 19.11 -18.94
CA GLY A 267 3.88 19.34 -18.42
C GLY A 267 3.90 20.29 -17.24
N TYR A 268 5.07 20.89 -16.97
CA TYR A 268 5.17 22.04 -16.02
C TYR A 268 4.70 23.31 -16.67
N SER A 269 4.01 24.13 -15.88
CA SER A 269 3.61 25.43 -16.30
C SER A 269 4.63 26.37 -15.65
N THR A 270 5.40 27.07 -16.45
CA THR A 270 6.44 27.91 -15.87
C THR A 270 5.79 29.10 -15.17
N ALA A 271 6.47 29.58 -14.13
CA ALA A 271 5.94 30.67 -13.31
C ALA A 271 7.14 31.53 -12.91
N SER A 272 6.90 32.73 -12.39
CA SER A 272 8.00 33.56 -11.90
C SER A 272 7.43 34.51 -10.90
N ASP A 273 6.56 33.99 -10.03
CA ASP A 273 5.97 34.84 -9.00
C ASP A 273 7.08 35.23 -8.06
N GLY A 274 7.12 36.51 -7.71
CA GLY A 274 8.22 37.06 -6.91
C GLY A 274 8.02 36.96 -5.41
N PRO A 275 8.95 37.57 -4.64
CA PRO A 275 8.95 37.49 -3.19
C PRO A 275 7.58 37.73 -2.53
N GLU A 276 6.97 38.86 -2.85
CA GLU A 276 5.68 39.23 -2.28
C GLU A 276 4.54 38.30 -2.68
N VAL A 277 4.40 38.06 -3.98
CA VAL A 277 3.31 37.23 -4.47
C VAL A 277 3.46 35.79 -3.93
N PHE A 278 4.69 35.27 -3.99
CA PHE A 278 4.89 33.89 -3.63
C PHE A 278 4.65 33.74 -2.09
N GLN A 279 5.15 34.70 -1.33
CA GLN A 279 4.90 34.69 0.13
C GLN A 279 3.42 34.66 0.45
N LYS A 280 2.65 35.49 -0.26
CA LYS A 280 1.21 35.46 -0.07
C LYS A 280 0.61 34.07 -0.41
N MET A 281 1.05 33.47 -1.52
CA MET A 281 0.56 32.15 -1.93
C MET A 281 0.88 31.11 -0.86
N VAL A 282 2.10 31.15 -0.32
CA VAL A 282 2.51 30.19 0.73
C VAL A 282 1.55 30.32 1.92
N GLU A 283 1.33 31.54 2.39
CA GLU A 283 0.49 31.76 3.59
C GLU A 283 -0.98 31.41 3.35
N THR A 284 -1.49 31.79 2.18
CA THR A 284 -2.85 31.47 1.77
C THR A 284 -3.07 29.94 1.70
N ASP A 285 -2.08 29.22 1.16
CA ASP A 285 -2.22 27.78 0.99
C ASP A 285 -2.07 27.06 2.34
N ILE A 286 -1.23 27.60 3.20
CA ILE A 286 -1.13 27.07 4.54
C ILE A 286 -2.51 27.10 5.16
N ASP A 287 -3.17 28.26 5.08
CA ASP A 287 -4.50 28.44 5.69
C ASP A 287 -5.52 27.50 5.08
N ARG A 288 -5.51 27.41 3.75
CA ARG A 288 -6.47 26.61 3.02
C ARG A 288 -6.29 25.11 3.27
N PHE A 289 -5.03 24.67 3.26
CA PHE A 289 -4.76 23.24 3.44
C PHE A 289 -5.05 22.86 4.86
N SER A 290 -4.76 23.76 5.79
CA SER A 290 -4.99 23.46 7.22
C SER A 290 -6.47 23.25 7.47
N ALA A 291 -7.28 24.05 6.80
CA ALA A 291 -8.74 23.94 6.90
C ALA A 291 -9.25 22.58 6.38
N LEU A 292 -8.77 22.19 5.21
CA LEU A 292 -9.09 20.90 4.61
C LEU A 292 -8.66 19.73 5.48
N THR A 293 -7.41 19.71 5.93
CA THR A 293 -6.92 18.57 6.72
C THR A 293 -7.54 18.55 8.15
N LYS A 294 -7.96 19.71 8.64
CA LYS A 294 -8.80 19.75 9.86
C LYS A 294 -10.18 19.09 9.62
N GLN A 295 -10.87 19.43 8.53
CA GLN A 295 -12.15 18.78 8.16
C GLN A 295 -12.04 17.25 8.15
N ILE A 296 -11.04 16.73 7.45
CA ILE A 296 -10.90 15.29 7.25
C ILE A 296 -10.14 14.61 8.40
N GLY A 297 -9.60 15.39 9.33
CA GLY A 297 -8.91 14.82 10.48
C GLY A 297 -7.58 14.15 10.24
N LEU A 298 -6.81 14.69 9.28
CA LEU A 298 -5.55 14.05 8.87
C LEU A 298 -4.38 14.57 9.69
N LYS A 299 -3.65 13.65 10.33
CA LYS A 299 -2.33 13.93 10.84
C LYS A 299 -1.40 12.85 10.31
N VAL A 300 -0.21 13.26 9.93
CA VAL A 300 0.76 12.35 9.35
C VAL A 300 1.74 11.86 10.43
N ASP A 301 1.77 12.53 11.59
CA ASP A 301 2.57 11.99 12.72
C ASP A 301 1.73 11.97 14.01
N PHE B 5 -0.56 -40.76 -11.34
CA PHE B 5 0.60 -39.83 -11.49
C PHE B 5 1.02 -39.19 -10.14
N PRO B 6 2.33 -39.15 -9.80
CA PRO B 6 3.51 -39.68 -10.47
C PRO B 6 3.78 -41.11 -10.03
N ASN B 7 3.85 -42.05 -10.99
CA ASN B 7 4.12 -43.45 -10.65
C ASN B 7 5.59 -43.84 -10.80
N LYS B 8 6.42 -42.86 -11.16
CA LYS B 8 7.84 -43.08 -11.43
C LYS B 8 8.63 -41.78 -11.24
N PRO B 9 9.98 -41.88 -11.22
CA PRO B 9 10.76 -40.65 -11.01
C PRO B 9 10.59 -39.60 -12.12
N LEU B 10 10.72 -38.34 -11.74
CA LEU B 10 10.60 -37.23 -12.69
C LEU B 10 11.97 -36.89 -13.25
N ASP B 11 11.97 -36.12 -14.32
CA ASP B 11 13.19 -35.78 -14.98
C ASP B 11 13.13 -34.28 -15.18
N ILE B 12 13.96 -33.57 -14.44
CA ILE B 12 14.06 -32.12 -14.53
C ILE B 12 15.29 -31.71 -15.32
N ILE B 13 15.02 -31.00 -16.41
CA ILE B 13 16.05 -30.45 -17.25
C ILE B 13 16.25 -28.99 -16.86
N VAL B 14 17.45 -28.65 -16.43
CA VAL B 14 17.71 -27.28 -16.00
C VAL B 14 18.26 -26.46 -17.18
N THR B 15 17.65 -25.30 -17.45
CA THR B 15 17.99 -24.46 -18.63
C THR B 15 19.30 -23.74 -18.48
N PHE B 16 19.77 -23.72 -17.22
CA PHE B 16 21.02 -23.07 -16.86
C PHE B 16 21.90 -24.03 -16.06
N PRO B 17 23.22 -23.78 -16.04
CA PRO B 17 24.11 -24.73 -15.36
C PRO B 17 24.25 -24.48 -13.84
N MET B 24 20.90 -25.25 -8.48
CA MET B 24 20.70 -25.22 -7.04
C MET B 24 19.23 -25.23 -6.66
N LEU B 25 18.45 -24.33 -7.25
CA LEU B 25 17.11 -23.99 -6.77
C LEU B 25 16.05 -24.33 -7.79
N ALA B 26 16.03 -25.58 -8.27
CA ALA B 26 16.63 -26.72 -7.59
C ALA B 26 16.60 -27.90 -8.56
N ARG B 27 17.18 -29.09 -8.30
CA ARG B 27 18.14 -29.57 -7.24
C ARG B 27 17.70 -29.74 -5.76
N LEU B 28 17.44 -28.62 -5.08
CA LEU B 28 16.79 -28.58 -3.76
C LEU B 28 15.36 -29.14 -3.84
N ILE B 29 14.62 -28.81 -4.90
CA ILE B 29 13.29 -29.36 -5.15
C ILE B 29 13.35 -30.90 -5.28
N GLY B 30 14.22 -31.39 -6.16
CA GLY B 30 14.39 -32.83 -6.37
C GLY B 30 14.80 -33.53 -5.09
N ASN B 31 15.62 -32.84 -4.30
CA ASN B 31 16.08 -33.30 -3.00
C ASN B 31 14.97 -33.52 -1.96
N TYR B 32 13.89 -32.76 -2.07
CA TYR B 32 12.76 -32.89 -1.15
C TYR B 32 11.49 -33.36 -1.82
N LEU B 33 11.55 -33.71 -3.11
CA LEU B 33 10.32 -33.95 -3.87
C LEU B 33 9.29 -34.71 -3.01
N THR B 34 9.64 -35.80 -2.34
CA THR B 34 9.41 -37.17 -2.75
C THR B 34 8.43 -37.32 -1.56
N GLU B 35 8.81 -36.60 -0.49
CA GLU B 35 8.06 -36.45 0.76
C GLU B 35 6.75 -35.68 0.62
N SER B 36 6.63 -34.88 -0.45
CA SER B 36 5.37 -34.20 -0.75
C SER B 36 4.70 -34.73 -2.00
N LEU B 37 5.49 -35.33 -2.89
CA LEU B 37 4.95 -35.76 -4.18
C LEU B 37 4.66 -37.27 -4.25
N GLY B 38 5.62 -38.08 -3.82
CA GLY B 38 5.49 -39.54 -3.95
C GLY B 38 6.61 -40.13 -4.78
N GLN B 39 7.28 -39.29 -5.56
CA GLN B 39 8.44 -39.69 -6.35
C GLN B 39 9.52 -38.61 -6.25
N THR B 40 10.78 -38.99 -6.40
CA THR B 40 11.86 -38.01 -6.50
C THR B 40 12.00 -37.52 -7.97
N ALA B 41 13.01 -36.68 -8.21
CA ALA B 41 13.30 -36.21 -9.54
C ALA B 41 14.76 -36.42 -9.84
N VAL B 42 15.04 -36.89 -11.04
CA VAL B 42 16.41 -36.85 -11.54
C VAL B 42 16.63 -35.47 -12.15
N VAL B 43 17.74 -34.84 -11.83
CA VAL B 43 17.99 -33.49 -12.33
C VAL B 43 19.19 -33.51 -13.27
N GLU B 44 19.05 -32.89 -14.43
CA GLU B 44 20.14 -32.82 -15.39
C GLU B 44 20.30 -31.43 -16.03
N ASN B 45 21.55 -31.13 -16.37
CA ASN B 45 21.90 -29.82 -16.88
C ASN B 45 22.00 -29.88 -18.39
N ARG B 46 21.27 -28.98 -19.06
CA ARG B 46 21.32 -28.82 -20.52
C ARG B 46 21.30 -27.34 -20.83
N PRO B 47 22.46 -26.66 -20.68
CA PRO B 47 22.55 -25.19 -20.68
C PRO B 47 22.65 -24.46 -22.03
N GLY B 48 22.93 -25.20 -23.11
CA GLY B 48 23.15 -24.62 -24.44
C GLY B 48 22.15 -23.55 -24.83
N ALA B 49 22.66 -22.44 -25.40
CA ALA B 49 21.84 -21.38 -26.02
C ALA B 49 20.78 -20.75 -25.11
N SER B 50 21.24 -20.25 -23.96
CA SER B 50 20.39 -19.50 -23.03
C SER B 50 19.20 -20.33 -22.57
N GLY B 51 19.38 -21.64 -22.65
CA GLY B 51 18.35 -22.59 -22.29
C GLY B 51 17.67 -23.29 -23.45
N ASN B 52 18.11 -23.02 -24.69
CA ASN B 52 17.35 -23.47 -25.88
C ASN B 52 17.46 -24.96 -26.18
N VAL B 53 18.67 -25.51 -26.08
CA VAL B 53 18.88 -26.96 -26.18
C VAL B 53 17.98 -27.74 -25.19
N GLY B 54 17.97 -27.28 -23.93
CA GLY B 54 17.10 -27.82 -22.91
C GLY B 54 15.63 -27.63 -23.17
N ALA B 55 15.23 -26.43 -23.60
CA ALA B 55 13.83 -26.16 -23.93
C ALA B 55 13.35 -27.06 -25.09
N ARG B 56 14.16 -27.17 -26.14
CA ARG B 56 13.81 -28.06 -27.27
C ARG B 56 13.55 -29.52 -26.81
N LEU B 57 14.46 -30.02 -25.97
CA LEU B 57 14.40 -31.37 -25.41
C LEU B 57 13.07 -31.61 -24.71
N VAL B 58 12.72 -30.67 -23.85
CA VAL B 58 11.47 -30.78 -23.13
C VAL B 58 10.25 -30.57 -24.02
N ALA B 59 10.30 -29.65 -25.00
CA ALA B 59 9.10 -29.47 -25.85
C ALA B 59 8.80 -30.75 -26.63
N ASP B 60 9.83 -31.58 -26.84
CA ASP B 60 9.64 -32.84 -27.56
C ASP B 60 9.34 -34.06 -26.67
N ARG B 61 9.27 -33.84 -25.34
CA ARG B 61 8.93 -34.95 -24.44
C ARG B 61 7.43 -35.15 -24.36
N ALA B 62 7.01 -36.32 -23.91
CA ALA B 62 5.61 -36.57 -23.75
C ALA B 62 5.02 -35.62 -22.66
N PRO B 63 3.76 -35.20 -22.87
CA PRO B 63 3.05 -34.26 -22.01
C PRO B 63 2.35 -34.99 -20.85
N ASP B 64 3.14 -35.73 -20.08
CA ASP B 64 2.61 -36.61 -19.03
C ASP B 64 3.03 -36.16 -17.64
N GLY B 65 3.87 -35.14 -17.58
CA GLY B 65 4.24 -34.56 -16.30
C GLY B 65 5.52 -35.13 -15.75
N TYR B 66 6.09 -36.10 -16.46
CA TYR B 66 7.35 -36.71 -16.02
C TYR B 66 8.60 -35.98 -16.50
N SER B 67 8.44 -35.06 -17.44
CA SER B 67 9.56 -34.28 -17.97
C SER B 67 9.26 -32.81 -17.74
N LEU B 68 10.19 -32.14 -17.08
CA LEU B 68 10.01 -30.75 -16.66
C LEU B 68 11.23 -29.99 -17.09
N LEU B 69 11.08 -28.68 -17.32
CA LEU B 69 12.21 -27.82 -17.65
C LEU B 69 12.30 -26.77 -16.55
N MET B 70 13.47 -26.62 -15.97
CA MET B 70 13.68 -25.58 -14.96
C MET B 70 14.25 -24.35 -15.69
N VAL B 71 13.57 -23.23 -15.55
CA VAL B 71 13.84 -22.03 -16.34
C VAL B 71 14.13 -20.80 -15.46
N ASN B 72 14.81 -19.80 -16.02
CA ASN B 72 14.63 -18.38 -15.57
C ASN B 72 13.58 -17.56 -16.37
N SER B 73 13.45 -16.28 -15.96
CA SER B 73 12.85 -15.20 -16.77
C SER B 73 13.47 -15.11 -18.17
N SER B 74 14.75 -15.49 -18.22
CA SER B 74 15.60 -15.60 -19.40
C SER B 74 14.99 -16.43 -20.56
N PHE B 75 14.24 -17.47 -20.20
CA PHE B 75 13.41 -18.19 -21.15
C PHE B 75 12.53 -17.21 -21.94
N ALA B 76 12.04 -16.18 -21.23
CA ALA B 76 11.09 -15.21 -21.79
C ALA B 76 11.76 -14.12 -22.61
N VAL B 77 13.09 -14.05 -22.50
CA VAL B 77 13.90 -13.09 -23.23
C VAL B 77 14.43 -13.69 -24.55
N ASN B 78 14.67 -15.01 -24.54
CA ASN B 78 15.18 -15.71 -25.70
C ASN B 78 14.39 -15.50 -27.01
N PRO B 79 13.04 -15.49 -26.97
CA PRO B 79 12.28 -15.40 -28.21
C PRO B 79 12.52 -14.10 -29.01
N GLY B 80 12.82 -13.01 -28.31
CA GLY B 80 13.07 -11.73 -28.97
C GLY B 80 14.49 -11.56 -29.44
N VAL B 81 15.42 -12.29 -28.84
CA VAL B 81 16.84 -12.10 -29.17
C VAL B 81 17.39 -13.19 -30.09
N PHE B 82 16.59 -14.22 -30.30
CA PHE B 82 16.92 -15.30 -31.22
C PHE B 82 16.05 -15.18 -32.47
N ARG B 83 16.70 -15.21 -33.63
CA ARG B 83 16.09 -14.98 -34.94
C ARG B 83 15.14 -16.11 -35.30
N ASN B 84 15.58 -17.32 -34.97
CA ASN B 84 14.80 -18.53 -35.16
C ASN B 84 14.90 -19.30 -33.86
N LEU B 85 13.75 -19.80 -33.40
CA LEU B 85 13.68 -20.61 -32.21
C LEU B 85 13.06 -21.93 -32.66
N PRO B 86 13.68 -23.07 -32.31
CA PRO B 86 13.19 -24.37 -32.76
C PRO B 86 11.92 -24.90 -32.05
N PHE B 87 11.18 -24.00 -31.40
CA PHE B 87 9.97 -24.37 -30.67
C PHE B 87 9.15 -23.10 -30.51
N ASP B 88 7.88 -23.25 -30.15
CA ASP B 88 7.01 -22.12 -29.88
C ASP B 88 7.03 -21.87 -28.35
N PRO B 89 7.74 -20.81 -27.90
CA PRO B 89 7.90 -20.57 -26.44
C PRO B 89 6.60 -20.45 -25.64
N LYS B 90 5.52 -20.06 -26.32
CA LYS B 90 4.23 -19.89 -25.69
C LYS B 90 3.35 -21.13 -25.78
N LYS B 91 3.38 -21.79 -26.93
CA LYS B 91 2.48 -22.90 -27.19
C LYS B 91 3.12 -24.26 -26.82
N ASP B 92 4.44 -24.39 -26.94
CA ASP B 92 5.06 -25.69 -26.68
C ASP B 92 5.36 -25.99 -25.20
N PHE B 93 5.04 -25.04 -24.32
CA PHE B 93 5.29 -25.22 -22.89
C PHE B 93 4.10 -24.71 -22.11
N ALA B 94 3.92 -25.27 -20.92
CA ALA B 94 2.82 -24.92 -20.02
C ALA B 94 3.47 -24.83 -18.63
N ALA B 95 3.17 -23.78 -17.88
CA ALA B 95 3.89 -23.48 -16.64
C ALA B 95 3.38 -24.37 -15.51
N VAL B 96 4.28 -24.75 -14.61
CA VAL B 96 3.89 -25.48 -13.42
C VAL B 96 3.97 -24.53 -12.21
N ILE B 97 5.14 -23.95 -11.97
CA ILE B 97 5.36 -23.16 -10.76
C ILE B 97 6.62 -22.30 -10.81
N ASN B 98 6.50 -21.03 -10.34
CA ASN B 98 7.67 -20.20 -10.04
C ASN B 98 8.09 -20.40 -8.57
N VAL B 99 9.36 -20.72 -8.34
CA VAL B 99 9.83 -21.06 -6.98
C VAL B 99 10.78 -20.04 -6.31
N ALA B 100 11.13 -18.97 -7.01
CA ALA B 100 12.12 -18.04 -6.48
C ALA B 100 12.24 -16.84 -7.40
N TYR B 101 12.42 -15.67 -6.78
CA TYR B 101 12.68 -14.43 -7.50
C TYR B 101 14.01 -13.94 -7.02
N VAL B 102 14.79 -13.41 -7.95
CA VAL B 102 16.01 -12.68 -7.67
C VAL B 102 15.81 -11.35 -8.42
N PRO B 103 15.85 -10.19 -7.71
CA PRO B 103 15.90 -8.97 -8.51
C PRO B 103 17.30 -8.70 -9.06
N SER B 104 17.44 -7.77 -9.99
CA SER B 104 18.77 -7.31 -10.31
C SER B 104 19.08 -6.09 -9.47
N VAL B 105 20.37 -5.80 -9.32
CA VAL B 105 20.83 -4.59 -8.66
C VAL B 105 21.84 -3.86 -9.54
N PHE B 106 21.82 -2.54 -9.44
CA PHE B 106 22.81 -1.68 -10.04
C PHE B 106 23.83 -1.39 -8.96
N VAL B 107 25.06 -1.82 -9.17
CA VAL B 107 26.10 -1.74 -8.15
C VAL B 107 27.33 -0.98 -8.63
N VAL B 108 27.92 -0.22 -7.72
CA VAL B 108 29.08 0.58 -7.99
C VAL B 108 30.12 0.18 -6.94
N PRO B 109 31.41 0.48 -7.19
CA PRO B 109 32.35 0.22 -6.08
C PRO B 109 32.09 1.18 -4.94
N ALA B 110 32.27 0.71 -3.70
CA ALA B 110 32.39 1.61 -2.53
C ALA B 110 33.17 2.90 -2.83
N GLY B 111 32.62 4.02 -2.37
CA GLY B 111 33.17 5.35 -2.70
C GLY B 111 33.23 5.71 -4.17
N SER B 112 32.20 5.30 -4.93
CA SER B 112 32.02 5.77 -6.30
C SER B 112 31.52 7.21 -6.24
N LYS B 113 31.88 8.02 -7.24
CA LYS B 113 31.28 9.34 -7.43
C LYS B 113 29.72 9.30 -7.47
N TYR B 114 29.16 8.11 -7.70
CA TYR B 114 27.69 7.91 -7.79
C TYR B 114 27.12 7.50 -6.45
N LYS B 115 26.56 8.47 -5.72
CA LYS B 115 25.97 8.12 -4.43
C LYS B 115 24.56 7.56 -4.59
N THR B 116 23.94 7.86 -5.72
CA THR B 116 22.53 7.52 -5.96
C THR B 116 22.29 7.12 -7.43
N LEU B 117 21.17 6.45 -7.70
CA LEU B 117 20.71 6.26 -9.08
C LEU B 117 20.56 7.59 -9.84
N GLY B 118 20.03 8.63 -9.20
CA GLY B 118 19.86 9.95 -9.85
C GLY B 118 21.14 10.59 -10.39
N GLU B 119 22.25 10.40 -9.67
CA GLU B 119 23.59 10.92 -10.10
C GLU B 119 24.16 10.13 -11.28
N LEU B 120 23.96 8.82 -11.23
CA LEU B 120 24.23 7.91 -12.32
C LEU B 120 23.44 8.32 -13.56
N MET B 121 22.14 8.49 -13.41
CA MET B 121 21.30 8.86 -14.55
C MET B 121 21.64 10.27 -15.09
N ALA B 122 21.97 11.19 -14.20
CA ALA B 122 22.40 12.52 -14.58
C ALA B 122 23.67 12.44 -15.46
N ALA B 123 24.63 11.63 -15.01
CA ALA B 123 25.92 11.37 -15.70
C ALA B 123 25.71 10.78 -17.08
N ALA B 124 24.68 9.96 -17.21
CA ALA B 124 24.45 9.12 -18.39
C ALA B 124 23.52 9.76 -19.43
N LYS B 125 23.12 11.02 -19.19
CA LYS B 125 22.08 11.67 -19.99
C LYS B 125 22.57 12.18 -21.36
N GLN B 126 23.87 12.40 -21.47
CA GLN B 126 24.51 12.81 -22.74
C GLN B 126 24.55 11.62 -23.73
N THR B 127 24.37 11.88 -25.03
CA THR B 127 24.36 10.80 -26.04
C THR B 127 25.71 10.13 -26.26
N ASN B 128 26.79 10.87 -26.00
CA ASN B 128 28.14 10.28 -26.01
C ASN B 128 28.75 10.39 -24.61
N THR B 129 28.17 9.60 -23.69
CA THR B 129 28.57 9.57 -22.28
C THR B 129 29.50 8.38 -22.05
N GLN B 130 30.53 8.57 -21.22
CA GLN B 130 31.51 7.50 -21.00
C GLN B 130 31.03 6.46 -19.96
N VAL B 131 29.80 6.64 -19.45
CA VAL B 131 29.28 5.67 -18.49
C VAL B 131 28.85 4.35 -19.14
N THR B 132 29.44 3.28 -18.59
CA THR B 132 29.25 1.92 -19.02
C THR B 132 28.70 1.07 -17.88
N TYR B 133 28.17 -0.11 -18.21
CA TYR B 133 27.69 -1.08 -17.22
C TYR B 133 27.84 -2.51 -17.70
N GLY B 134 28.15 -3.43 -16.77
CA GLY B 134 28.21 -4.85 -17.10
C GLY B 134 26.97 -5.61 -16.74
N SER B 135 26.77 -6.76 -17.39
CA SER B 135 25.65 -7.66 -17.09
C SER B 135 26.09 -9.11 -16.85
N CYS B 136 25.14 -9.96 -16.49
CA CYS B 136 25.40 -11.39 -16.39
C CYS B 136 25.26 -12.12 -17.75
N GLY B 137 25.09 -11.33 -18.82
CA GLY B 137 25.18 -11.80 -20.20
C GLY B 137 24.41 -11.00 -21.25
N ASN B 138 24.65 -11.29 -22.53
CA ASN B 138 23.81 -10.76 -23.60
C ASN B 138 22.47 -11.42 -23.52
N GLY B 139 21.43 -10.59 -23.51
CA GLY B 139 20.07 -11.09 -23.45
C GLY B 139 19.65 -11.67 -22.13
N THR B 140 20.50 -11.53 -21.09
CA THR B 140 20.12 -11.92 -19.73
C THR B 140 19.15 -10.89 -19.17
N PRO B 141 18.30 -11.28 -18.22
CA PRO B 141 17.41 -10.24 -17.69
C PRO B 141 18.20 -9.03 -17.18
N GLN B 142 19.47 -9.25 -16.84
CA GLN B 142 20.36 -8.20 -16.32
C GLN B 142 20.79 -7.17 -17.38
N HIS B 143 21.12 -7.67 -18.58
CA HIS B 143 21.40 -6.82 -19.73
C HIS B 143 20.18 -5.96 -20.06
N LEU B 144 19.02 -6.61 -20.07
CA LEU B 144 17.73 -6.00 -20.36
C LEU B 144 17.31 -4.93 -19.31
N ALA B 145 17.55 -5.22 -18.03
CA ALA B 145 17.41 -4.20 -16.97
C ALA B 145 18.19 -2.92 -17.25
N GLY B 146 19.44 -3.04 -17.68
CA GLY B 146 20.23 -1.86 -18.09
C GLY B 146 19.60 -1.11 -19.26
N GLU B 147 19.26 -1.87 -20.29
CA GLU B 147 18.70 -1.24 -21.48
C GLU B 147 17.35 -0.63 -21.17
N LEU B 148 16.58 -1.29 -20.31
CA LEU B 148 15.29 -0.79 -19.89
C LEU B 148 15.46 0.58 -19.21
N LEU B 149 16.53 0.72 -18.43
CA LEU B 149 16.78 1.99 -17.75
C LEU B 149 17.10 3.08 -18.76
N ASN B 150 17.93 2.74 -19.74
CA ASN B 150 18.23 3.66 -20.82
C ASN B 150 16.99 4.21 -21.53
N VAL B 151 16.07 3.31 -21.89
CA VAL B 151 14.80 3.68 -22.51
C VAL B 151 13.90 4.47 -21.58
N SER B 152 13.73 3.97 -20.36
CA SER B 152 12.85 4.60 -19.41
C SER B 152 13.28 6.00 -18.97
N ALA B 153 14.58 6.13 -18.67
CA ALA B 153 15.09 7.34 -18.08
C ALA B 153 15.75 8.21 -19.14
N LYS B 154 15.75 7.73 -20.39
CA LYS B 154 16.35 8.45 -21.51
C LYS B 154 17.82 8.73 -21.23
N THR B 155 18.55 7.65 -20.97
CA THR B 155 19.97 7.75 -20.68
C THR B 155 20.69 6.91 -21.72
N HIS B 156 22.00 7.01 -21.76
CA HIS B 156 22.74 6.38 -22.84
C HIS B 156 23.93 5.61 -22.32
N MET B 157 23.68 4.82 -21.28
CA MET B 157 24.71 3.96 -20.68
C MET B 157 25.15 2.97 -21.71
N VAL B 158 26.47 2.89 -21.88
CA VAL B 158 27.08 1.93 -22.79
C VAL B 158 27.26 0.61 -22.07
N HIS B 159 26.66 -0.44 -22.64
CA HIS B 159 26.80 -1.81 -22.17
C HIS B 159 28.25 -2.29 -22.33
N VAL B 160 28.80 -2.88 -21.26
CA VAL B 160 30.06 -3.62 -21.32
C VAL B 160 29.77 -5.01 -20.79
N PRO B 161 29.51 -5.97 -21.67
CA PRO B 161 29.20 -7.30 -21.14
C PRO B 161 30.44 -8.04 -20.63
N TYR B 162 30.16 -8.98 -19.73
CA TYR B 162 31.07 -9.94 -19.12
C TYR B 162 30.16 -11.15 -19.16
N LYS B 163 30.54 -12.24 -18.48
CA LYS B 163 29.60 -13.35 -18.24
C LYS B 163 30.12 -14.23 -17.14
N GLY B 164 29.28 -14.57 -16.16
CA GLY B 164 27.91 -14.08 -16.03
C GLY B 164 27.62 -13.69 -14.58
N CYS B 165 28.06 -12.50 -14.19
CA CYS B 165 27.93 -11.91 -12.83
C CYS B 165 29.30 -11.89 -12.17
N GLY B 166 29.85 -13.08 -11.94
CA GLY B 166 31.22 -13.26 -11.43
C GLY B 166 32.24 -12.22 -11.90
N PRO B 167 32.62 -12.28 -13.21
CA PRO B 167 33.57 -11.31 -13.79
C PRO B 167 33.13 -9.86 -13.79
N ALA B 168 31.83 -9.63 -13.88
CA ALA B 168 31.25 -8.31 -13.74
C ALA B 168 31.49 -7.82 -12.32
N LEU B 169 31.00 -8.59 -11.34
CA LEU B 169 31.21 -8.27 -9.91
C LEU B 169 32.68 -8.12 -9.67
N ASN B 170 33.39 -9.20 -10.04
CA ASN B 170 34.84 -9.24 -10.09
C ASN B 170 35.44 -7.94 -10.60
N ASP B 171 34.92 -7.44 -11.73
CA ASP B 171 35.44 -6.19 -12.29
C ASP B 171 35.05 -4.90 -11.57
N VAL B 172 33.85 -4.87 -10.99
CA VAL B 172 33.37 -3.66 -10.29
C VAL B 172 34.05 -3.47 -8.92
N LEU B 173 34.28 -4.57 -8.22
CA LEU B 173 35.00 -4.58 -6.94
C LEU B 173 36.39 -3.93 -7.02
N GLY B 174 37.16 -4.31 -8.04
CA GLY B 174 38.50 -3.75 -8.22
C GLY B 174 38.51 -2.37 -8.85
N SER B 175 37.32 -1.87 -9.20
CA SER B 175 37.15 -0.59 -9.88
C SER B 175 37.70 -0.61 -11.32
N GLN B 176 37.43 -1.72 -12.02
CA GLN B 176 37.77 -1.87 -13.45
C GLN B 176 36.54 -1.75 -14.40
N ILE B 177 35.42 -1.25 -13.90
CA ILE B 177 34.22 -1.01 -14.75
C ILE B 177 33.34 0.19 -14.31
N GLY B 178 33.16 0.37 -13.00
CA GLY B 178 32.42 1.54 -12.48
C GLY B 178 30.95 1.33 -12.12
N LEU B 179 30.31 0.39 -12.81
CA LEU B 179 28.91 0.05 -12.62
C LEU B 179 28.63 -1.30 -13.25
N ALA B 180 27.93 -2.17 -12.54
CA ALA B 180 27.32 -3.32 -13.21
C ALA B 180 25.90 -3.58 -12.74
N VAL B 181 25.17 -4.35 -13.56
CA VAL B 181 23.89 -4.91 -13.19
C VAL B 181 23.98 -6.42 -13.03
N VAL B 182 23.77 -6.91 -11.80
CA VAL B 182 23.87 -8.33 -11.49
C VAL B 182 22.64 -8.82 -10.75
N THR B 183 22.52 -10.13 -10.55
CA THR B 183 21.46 -10.63 -9.66
C THR B 183 21.73 -10.11 -8.27
N ALA B 184 20.66 -9.94 -7.48
CA ALA B 184 20.81 -9.52 -6.10
C ALA B 184 21.59 -10.61 -5.35
N SER B 185 21.41 -11.88 -5.76
CA SER B 185 22.06 -12.99 -5.07
C SER B 185 23.59 -12.99 -5.22
N SER B 186 24.11 -12.52 -6.36
CA SER B 186 25.57 -12.41 -6.56
C SER B 186 26.23 -11.48 -5.51
N ALA B 187 25.55 -10.45 -5.02
CA ALA B 187 25.94 -9.07 -5.18
C ALA B 187 25.88 -8.84 -3.65
N ILE B 188 24.93 -9.53 -3.00
CA ILE B 188 24.55 -9.28 -1.60
C ILE B 188 25.69 -9.32 -0.55
N PRO B 189 26.47 -10.44 -0.48
CA PRO B 189 27.63 -10.52 0.44
C PRO B 189 28.58 -9.33 0.32
N PHE B 190 28.80 -8.89 -0.91
CA PHE B 190 29.66 -7.75 -1.19
C PHE B 190 29.05 -6.44 -0.77
N ILE B 191 27.74 -6.31 -0.94
CA ILE B 191 27.01 -5.16 -0.44
C ILE B 191 27.05 -5.08 1.10
N LYS B 192 26.84 -6.22 1.77
CA LYS B 192 26.90 -6.30 3.24
C LYS B 192 28.32 -6.06 3.79
N ALA B 193 29.31 -6.60 3.09
CA ALA B 193 30.71 -6.44 3.46
C ALA B 193 31.25 -5.16 2.86
N GLY B 194 30.34 -4.25 2.52
CA GLY B 194 30.67 -2.92 2.02
C GLY B 194 31.62 -2.84 0.84
N LYS B 195 31.84 -3.96 0.18
CA LYS B 195 32.70 -4.02 -0.99
C LYS B 195 32.03 -3.37 -2.22
N LEU B 196 30.70 -3.16 -2.13
CA LEU B 196 29.91 -2.51 -3.18
C LEU B 196 28.73 -1.78 -2.58
N GLN B 197 28.32 -0.71 -3.25
CA GLN B 197 27.09 0.03 -2.98
C GLN B 197 26.03 -0.30 -4.04
N ALA B 198 24.83 -0.69 -3.61
CA ALA B 198 23.69 -0.89 -4.55
C ALA B 198 22.89 0.39 -4.73
N LEU B 199 22.91 0.92 -5.95
CA LEU B 199 22.17 2.13 -6.28
C LEU B 199 20.65 1.92 -6.38
N ALA B 200 20.23 0.71 -6.76
CA ALA B 200 18.84 0.42 -6.96
C ALA B 200 18.65 -1.09 -7.12
N VAL B 201 17.49 -1.58 -6.69
CA VAL B 201 16.98 -2.90 -7.12
C VAL B 201 15.91 -2.69 -8.20
N THR B 202 15.71 -3.72 -9.03
CA THR B 202 14.90 -3.61 -10.28
C THR B 202 13.43 -3.93 -10.03
N SER B 203 13.18 -4.60 -8.90
CA SER B 203 11.84 -5.09 -8.60
C SER B 203 10.92 -3.94 -8.23
N LYS B 204 9.64 -4.23 -8.32
CA LYS B 204 8.55 -3.35 -7.92
C LYS B 204 8.67 -2.94 -6.42
N GLU B 205 9.09 -3.87 -5.57
CA GLU B 205 9.35 -3.53 -4.21
C GLU B 205 10.79 -3.89 -3.81
N ARG B 206 11.25 -3.43 -2.65
CA ARG B 206 12.63 -3.69 -2.29
C ARG B 206 12.73 -5.05 -1.63
N SER B 207 13.94 -5.60 -1.50
CA SER B 207 14.25 -7.02 -1.73
C SER B 207 14.24 -6.89 -0.19
N ALA B 208 13.46 -7.64 0.56
CA ALA B 208 13.91 -8.34 1.76
C ALA B 208 15.25 -8.80 2.27
N LEU B 209 16.03 -9.59 1.55
CA LEU B 209 17.43 -9.27 1.37
C LEU B 209 18.20 -7.95 1.49
N LEU B 210 17.64 -6.84 0.98
CA LEU B 210 18.34 -5.54 1.00
C LEU B 210 17.37 -4.39 1.29
N PRO B 211 16.92 -4.27 2.55
CA PRO B 211 15.89 -3.28 2.93
C PRO B 211 16.24 -1.80 2.67
N GLU B 212 17.54 -1.49 2.61
CA GLU B 212 18.04 -0.11 2.43
C GLU B 212 18.17 0.37 1.00
N VAL B 213 18.21 -0.55 0.05
CA VAL B 213 18.40 -0.10 -1.34
C VAL B 213 17.06 0.14 -2.00
N PRO B 214 16.86 1.37 -2.49
CA PRO B 214 15.63 1.73 -3.11
C PRO B 214 15.47 1.06 -4.47
N THR B 215 14.20 0.94 -4.77
CA THR B 215 13.66 0.48 -6.04
C THR B 215 14.00 1.54 -7.14
N VAL B 216 14.08 1.12 -8.41
CA VAL B 216 14.18 2.10 -9.50
C VAL B 216 12.94 3.05 -9.51
N ALA B 217 11.77 2.44 -9.38
CA ALA B 217 10.49 3.16 -9.35
C ALA B 217 10.49 4.28 -8.27
N GLU B 218 11.01 3.97 -7.08
CA GLU B 218 11.02 4.91 -5.95
C GLU B 218 11.97 6.07 -6.22
N GLN B 219 12.81 5.93 -7.24
CA GLN B 219 13.76 6.96 -7.68
C GLN B 219 13.54 7.91 -8.94
N GLY B 220 12.42 8.24 -9.59
CA GLY B 220 11.10 7.79 -9.64
C GLY B 220 11.10 7.61 -11.18
N VAL B 221 11.69 6.50 -11.59
CA VAL B 221 11.53 6.07 -12.97
C VAL B 221 10.31 5.17 -12.95
N ALA B 222 9.15 5.69 -13.36
CA ALA B 222 7.91 4.89 -13.33
C ALA B 222 7.90 3.90 -14.48
N GLY B 223 7.15 2.82 -14.30
CA GLY B 223 6.92 1.83 -15.36
C GLY B 223 8.08 0.88 -15.49
N TYR B 224 8.95 0.88 -14.48
CA TYR B 224 10.16 0.12 -14.50
C TYR B 224 10.05 -0.93 -13.40
N GLU B 225 9.95 -2.19 -13.80
CA GLU B 225 9.88 -3.30 -12.85
C GLU B 225 10.37 -4.54 -13.52
N LEU B 226 11.43 -5.09 -12.95
CA LEU B 226 12.04 -6.31 -13.43
C LEU B 226 12.35 -7.19 -12.24
N ASN B 227 11.81 -8.39 -12.21
CA ASN B 227 12.24 -9.38 -11.22
C ASN B 227 12.36 -10.76 -11.92
N GLN B 228 13.53 -11.39 -11.79
CA GLN B 228 13.83 -12.64 -12.49
C GLN B 228 13.24 -13.79 -11.72
N TRP B 229 12.23 -14.39 -12.32
CA TRP B 229 11.57 -15.61 -11.83
C TRP B 229 12.30 -16.90 -12.18
N HIS B 230 11.94 -17.97 -11.46
CA HIS B 230 12.68 -19.22 -11.47
C HIS B 230 11.67 -20.31 -11.22
N GLY B 231 11.40 -21.14 -12.23
CA GLY B 231 10.23 -22.01 -12.09
C GLY B 231 10.29 -23.24 -13.00
N LEU B 232 9.19 -23.97 -13.03
CA LEU B 232 9.13 -25.24 -13.79
C LEU B 232 8.04 -25.25 -14.84
N LEU B 233 8.41 -25.72 -16.03
CA LEU B 233 7.47 -25.82 -17.14
C LEU B 233 7.39 -27.27 -17.55
N VAL B 234 6.29 -27.65 -18.17
CA VAL B 234 6.19 -28.96 -18.79
C VAL B 234 5.86 -28.75 -20.26
N PRO B 235 5.85 -29.85 -21.06
CA PRO B 235 5.33 -29.76 -22.43
C PRO B 235 3.93 -29.13 -22.50
N GLY B 236 3.72 -28.34 -23.55
CA GLY B 236 2.48 -27.58 -23.79
C GLY B 236 1.18 -28.30 -23.55
N ALA B 237 1.10 -29.58 -23.95
CA ALA B 237 -0.17 -30.30 -23.90
C ALA B 237 -0.42 -31.04 -22.58
N THR B 238 0.41 -30.80 -21.57
CA THR B 238 0.29 -31.53 -20.32
C THR B 238 -1.05 -31.13 -19.70
N PRO B 239 -1.91 -32.11 -19.39
CA PRO B 239 -3.19 -31.86 -18.71
C PRO B 239 -3.06 -30.94 -17.48
N MET B 240 -4.02 -30.05 -17.30
CA MET B 240 -3.99 -29.13 -16.15
C MET B 240 -3.88 -29.87 -14.82
N ALA B 241 -4.62 -30.97 -14.68
CA ALA B 241 -4.63 -31.79 -13.45
C ALA B 241 -3.26 -32.33 -13.07
N VAL B 242 -2.48 -32.73 -14.09
CA VAL B 242 -1.06 -33.07 -13.87
C VAL B 242 -0.25 -31.84 -13.44
N ARG B 243 -0.45 -30.72 -14.14
CA ARG B 243 0.21 -29.47 -13.84
C ARG B 243 -0.10 -29.08 -12.38
N GLN B 244 -1.34 -29.34 -11.99
CA GLN B 244 -1.88 -29.03 -10.65
C GLN B 244 -1.28 -29.98 -9.59
N LYS B 245 -1.24 -31.28 -9.93
CA LYS B 245 -0.60 -32.26 -9.05
C LYS B 245 0.86 -31.91 -8.80
N LEU B 246 1.57 -31.53 -9.86
CA LEU B 246 2.94 -31.08 -9.72
C LEU B 246 3.03 -29.79 -8.89
N TYR B 247 2.12 -28.85 -9.17
CA TYR B 247 2.09 -27.62 -8.37
C TYR B 247 2.02 -27.98 -6.86
N ASP B 248 0.97 -28.71 -6.47
CA ASP B 248 0.80 -29.18 -5.07
C ASP B 248 2.10 -29.77 -4.48
N GLY B 249 2.72 -30.73 -5.19
CA GLY B 249 4.09 -31.24 -4.95
C GLY B 249 4.85 -30.17 -4.24
N ILE B 250 5.16 -29.05 -4.88
CA ILE B 250 6.51 -28.67 -5.28
C ILE B 250 6.40 -27.42 -4.35
N ALA B 251 5.17 -26.92 -4.29
CA ALA B 251 4.76 -25.85 -3.37
C ALA B 251 5.00 -26.23 -1.90
N LYS B 252 4.68 -27.48 -1.55
CA LYS B 252 4.92 -28.01 -0.21
C LYS B 252 6.40 -27.96 0.09
N VAL B 253 7.23 -28.26 -0.91
CA VAL B 253 8.67 -28.18 -0.74
C VAL B 253 9.08 -26.73 -0.46
N MET B 254 8.45 -25.79 -1.17
CA MET B 254 8.81 -24.37 -1.04
C MET B 254 8.40 -23.75 0.31
N GLN B 255 7.33 -24.29 0.91
CA GLN B 255 6.80 -23.86 2.22
C GLN B 255 7.70 -24.22 3.38
N ARG B 256 8.37 -25.36 3.27
CA ARG B 256 9.36 -25.78 4.25
C ARG B 256 10.20 -24.63 4.81
N ASP B 257 10.27 -24.57 6.14
CA ASP B 257 11.10 -23.61 6.88
C ASP B 257 12.59 -23.71 6.51
N ASP B 258 13.10 -24.93 6.47
CA ASP B 258 14.47 -25.22 6.04
C ASP B 258 14.67 -24.52 4.67
N VAL B 259 13.66 -24.62 3.81
CA VAL B 259 13.70 -24.03 2.48
C VAL B 259 13.34 -22.52 2.47
N GLN B 260 12.12 -22.15 2.89
CA GLN B 260 11.73 -20.73 2.97
C GLN B 260 12.89 -19.92 3.56
N LYS B 261 13.49 -20.47 4.62
CA LYS B 261 14.50 -19.76 5.40
C LYS B 261 15.81 -19.63 4.64
N LYS B 262 16.24 -20.69 3.96
CA LYS B 262 17.43 -20.59 3.14
C LYS B 262 17.16 -19.72 1.87
N LEU B 263 15.93 -19.73 1.36
CA LEU B 263 15.63 -18.95 0.14
C LEU B 263 15.47 -17.44 0.40
N ALA B 264 14.74 -17.12 1.47
CA ALA B 264 14.79 -15.79 2.08
C ALA B 264 16.22 -15.41 2.44
N ASP B 265 16.97 -16.37 2.97
CA ASP B 265 18.37 -16.15 3.36
C ASP B 265 19.28 -15.84 2.18
N LEU B 266 18.93 -16.34 1.00
CA LEU B 266 19.78 -16.05 -0.15
C LEU B 266 19.37 -14.81 -0.96
N GLY B 267 18.22 -14.23 -0.59
CA GLY B 267 17.69 -13.02 -1.23
C GLY B 267 16.72 -13.36 -2.35
N TYR B 268 16.13 -14.56 -2.25
CA TYR B 268 15.04 -14.95 -3.12
C TYR B 268 13.73 -14.62 -2.41
N SER B 269 12.80 -14.03 -3.15
CA SER B 269 11.43 -13.90 -2.71
C SER B 269 10.64 -15.15 -3.13
N THR B 270 10.36 -16.01 -2.17
CA THR B 270 9.66 -17.25 -2.39
C THR B 270 8.25 -16.98 -2.91
N ALA B 271 7.86 -17.72 -3.95
CA ALA B 271 6.44 -17.73 -4.36
C ALA B 271 5.91 -19.13 -4.66
N SER B 272 4.62 -19.19 -4.91
CA SER B 272 3.98 -20.39 -5.36
C SER B 272 2.91 -19.99 -6.34
N ASP B 273 3.35 -19.22 -7.33
CA ASP B 273 2.51 -18.92 -8.46
C ASP B 273 2.39 -20.26 -9.16
N GLY B 274 1.16 -20.74 -9.24
CA GLY B 274 0.88 -22.03 -9.82
C GLY B 274 0.78 -21.90 -11.33
N PRO B 275 0.17 -22.92 -11.98
CA PRO B 275 0.09 -23.07 -13.43
C PRO B 275 -0.41 -21.81 -14.14
N GLU B 276 -1.73 -21.55 -14.03
CA GLU B 276 -2.42 -20.43 -14.72
C GLU B 276 -1.80 -19.06 -14.52
N VAL B 277 -1.39 -18.76 -13.28
CA VAL B 277 -0.82 -17.46 -12.90
C VAL B 277 0.60 -17.35 -13.43
N PHE B 278 1.35 -18.44 -13.31
CA PHE B 278 2.69 -18.49 -13.88
C PHE B 278 2.62 -18.51 -15.44
N GLN B 279 1.60 -19.13 -16.01
CA GLN B 279 1.48 -19.15 -17.46
C GLN B 279 1.27 -17.73 -17.98
N LYS B 280 0.21 -17.10 -17.45
CA LYS B 280 -0.12 -15.68 -17.69
C LYS B 280 1.10 -14.80 -17.49
N MET B 281 1.87 -15.06 -16.44
CA MET B 281 3.18 -14.42 -16.22
C MET B 281 3.93 -14.57 -17.52
N VAL B 282 4.66 -15.69 -17.66
CA VAL B 282 5.54 -16.05 -18.82
C VAL B 282 5.13 -15.42 -20.17
N GLU B 283 3.86 -15.52 -20.51
CA GLU B 283 3.39 -14.99 -21.80
C GLU B 283 3.56 -13.49 -21.85
N THR B 284 2.88 -12.81 -20.93
CA THR B 284 2.94 -11.35 -20.88
C THR B 284 4.38 -10.84 -20.84
N ASP B 285 5.27 -11.56 -20.16
CA ASP B 285 6.70 -11.21 -20.12
C ASP B 285 7.45 -11.49 -21.42
N ILE B 286 7.09 -12.55 -22.15
CA ILE B 286 7.66 -12.74 -23.50
C ILE B 286 7.29 -11.51 -24.31
N ASP B 287 6.01 -11.11 -24.28
CA ASP B 287 5.55 -9.91 -25.00
C ASP B 287 6.29 -8.65 -24.64
N ARG B 288 6.32 -8.32 -23.35
CA ARG B 288 6.98 -7.07 -22.93
C ARG B 288 8.44 -7.10 -23.30
N PHE B 289 9.11 -8.24 -23.11
CA PHE B 289 10.56 -8.33 -23.39
C PHE B 289 10.90 -8.24 -24.87
N SER B 290 10.04 -8.84 -25.71
CA SER B 290 10.19 -8.75 -27.16
C SER B 290 10.04 -7.31 -27.63
N ALA B 291 9.05 -6.62 -27.07
CA ALA B 291 8.82 -5.19 -27.34
C ALA B 291 10.04 -4.32 -27.03
N LEU B 292 10.76 -4.63 -25.94
CA LEU B 292 11.97 -3.89 -25.59
C LEU B 292 13.15 -4.28 -26.45
N THR B 293 13.28 -5.56 -26.75
CA THR B 293 14.41 -6.03 -27.54
C THR B 293 14.26 -5.66 -29.03
N LYS B 294 13.03 -5.43 -29.47
CA LYS B 294 12.73 -4.87 -30.80
C LYS B 294 13.01 -3.37 -30.77
N GLN B 295 12.60 -2.71 -29.68
CA GLN B 295 12.84 -1.28 -29.47
C GLN B 295 14.33 -0.90 -29.57
N ILE B 296 15.21 -1.78 -29.09
CA ILE B 296 16.65 -1.48 -29.03
C ILE B 296 17.52 -2.30 -29.99
N GLY B 297 16.88 -3.14 -30.81
CA GLY B 297 17.59 -3.94 -31.82
C GLY B 297 18.54 -5.02 -31.31
N LEU B 298 18.05 -5.85 -30.37
CA LEU B 298 18.89 -6.89 -29.79
C LEU B 298 18.63 -8.29 -30.34
N LYS B 299 19.66 -8.82 -30.99
CA LYS B 299 19.71 -10.22 -31.40
C LYS B 299 20.98 -10.82 -30.84
N VAL B 300 20.92 -12.11 -30.53
CA VAL B 300 22.07 -12.83 -29.97
C VAL B 300 22.69 -13.77 -31.02
N ASP B 301 21.87 -14.59 -31.66
CA ASP B 301 22.34 -15.55 -32.66
C ASP B 301 22.65 -14.86 -34.00
N PRO C 6 -42.03 -7.23 36.97
CA PRO C 6 -42.43 -7.32 35.56
C PRO C 6 -43.85 -7.86 35.33
N ASN C 7 -44.80 -6.98 35.03
CA ASN C 7 -46.18 -7.39 34.72
C ASN C 7 -46.46 -7.25 33.25
N LYS C 8 -46.05 -6.11 32.72
CA LYS C 8 -46.09 -5.80 31.33
C LYS C 8 -44.92 -6.58 30.65
N PRO C 9 -45.10 -6.95 29.39
CA PRO C 9 -43.96 -7.43 28.58
C PRO C 9 -42.80 -6.41 28.51
N LEU C 10 -41.60 -6.89 28.23
CA LEU C 10 -40.45 -6.00 27.97
C LEU C 10 -40.40 -5.62 26.48
N ASP C 11 -39.79 -4.48 26.18
CA ASP C 11 -39.58 -4.06 24.82
C ASP C 11 -38.06 -3.92 24.68
N ILE C 12 -37.47 -4.82 23.91
CA ILE C 12 -36.04 -4.81 23.67
C ILE C 12 -35.81 -4.26 22.28
N ILE C 13 -35.18 -3.09 22.26
CA ILE C 13 -34.79 -2.42 21.04
C ILE C 13 -33.35 -2.82 20.62
N VAL C 14 -33.23 -3.45 19.45
CA VAL C 14 -31.95 -3.89 18.93
C VAL C 14 -31.37 -2.78 18.02
N THR C 15 -30.10 -2.47 18.27
CA THR C 15 -29.39 -1.37 17.65
C THR C 15 -28.92 -1.71 16.22
N PHE C 16 -28.98 -2.99 15.87
CA PHE C 16 -28.54 -3.49 14.56
C PHE C 16 -29.61 -4.34 13.88
N PRO C 17 -29.48 -4.53 12.55
CA PRO C 17 -30.50 -5.25 11.82
C PRO C 17 -30.51 -6.76 12.07
N PRO C 18 -31.59 -7.44 11.66
CA PRO C 18 -31.60 -8.89 11.83
C PRO C 18 -30.43 -9.57 11.11
N GLY C 19 -30.08 -10.76 11.58
CA GLY C 19 -29.04 -11.58 10.94
C GLY C 19 -27.66 -11.35 11.50
N GLY C 20 -27.52 -10.36 12.37
CA GLY C 20 -26.28 -10.18 13.08
C GLY C 20 -26.28 -10.82 14.46
N GLY C 21 -25.11 -10.83 15.10
CA GLY C 21 -25.00 -11.37 16.45
C GLY C 21 -25.86 -10.69 17.52
N THR C 22 -25.89 -9.37 17.50
CA THR C 22 -26.69 -8.58 18.43
C THR C 22 -28.19 -8.94 18.37
N ASP C 23 -28.75 -8.94 17.16
CA ASP C 23 -30.12 -9.41 16.96
C ASP C 23 -30.31 -10.86 17.44
N MET C 24 -29.38 -11.73 17.03
CA MET C 24 -29.51 -13.14 17.42
C MET C 24 -29.56 -13.30 18.94
N LEU C 25 -28.72 -12.56 19.66
CA LEU C 25 -28.64 -12.67 21.11
C LEU C 25 -29.88 -12.11 21.76
N ALA C 26 -30.33 -10.97 21.29
CA ALA C 26 -31.53 -10.37 21.83
C ALA C 26 -32.74 -11.33 21.72
N ARG C 27 -32.91 -11.91 20.54
CA ARG C 27 -34.03 -12.80 20.27
C ARG C 27 -33.94 -14.12 21.05
N LEU C 28 -32.71 -14.60 21.24
CA LEU C 28 -32.44 -15.75 22.11
C LEU C 28 -32.90 -15.47 23.53
N ILE C 29 -32.45 -14.34 24.07
CA ILE C 29 -32.86 -13.90 25.38
C ILE C 29 -34.39 -13.72 25.47
N GLY C 30 -34.96 -13.06 24.48
CA GLY C 30 -36.39 -12.82 24.46
C GLY C 30 -37.18 -14.11 24.48
N ASN C 31 -36.74 -15.07 23.68
CA ASN C 31 -37.39 -16.38 23.63
C ASN C 31 -37.52 -17.01 25.00
N TYR C 32 -36.42 -17.09 25.76
CA TYR C 32 -36.45 -17.68 27.11
C TYR C 32 -37.10 -16.78 28.19
N LEU C 33 -36.86 -15.47 28.16
CA LEU C 33 -37.54 -14.50 29.02
C LEU C 33 -39.07 -14.49 28.92
N THR C 34 -39.63 -14.64 27.72
CA THR C 34 -41.09 -14.65 27.54
C THR C 34 -41.67 -15.78 28.41
N GLU C 35 -41.15 -16.99 28.24
CA GLU C 35 -41.35 -18.05 29.20
C GLU C 35 -40.69 -17.61 30.52
N SER C 36 -40.92 -18.35 31.59
CA SER C 36 -40.12 -18.18 32.82
C SER C 36 -40.36 -16.92 33.71
N LEU C 37 -40.27 -15.72 33.14
CA LEU C 37 -40.61 -14.51 33.94
C LEU C 37 -41.67 -13.74 33.15
N GLY C 38 -42.91 -13.86 33.63
CA GLY C 38 -44.06 -14.31 32.83
C GLY C 38 -44.86 -13.59 31.77
N GLN C 39 -44.20 -12.82 30.91
CA GLN C 39 -44.84 -12.18 29.75
C GLN C 39 -43.84 -11.92 28.63
N THR C 40 -44.36 -11.44 27.49
CA THR C 40 -43.60 -11.33 26.22
C THR C 40 -42.49 -10.31 26.36
N ALA C 41 -41.24 -10.74 26.21
CA ALA C 41 -40.15 -9.80 25.89
C ALA C 41 -40.20 -9.59 24.39
N VAL C 42 -40.78 -8.48 23.98
CA VAL C 42 -40.84 -8.14 22.57
C VAL C 42 -39.48 -7.66 22.14
N VAL C 43 -39.00 -8.23 21.03
CA VAL C 43 -37.70 -7.86 20.48
C VAL C 43 -37.91 -7.17 19.15
N GLU C 44 -37.41 -5.96 19.00
CA GLU C 44 -37.54 -5.26 17.71
C GLU C 44 -36.29 -4.55 17.24
N ASN C 45 -36.04 -4.59 15.94
CA ASN C 45 -34.84 -3.93 15.39
C ASN C 45 -35.17 -2.51 15.06
N ARG C 46 -34.35 -1.61 15.58
CA ARG C 46 -34.38 -0.21 15.19
C ARG C 46 -32.96 0.25 14.79
N PRO C 47 -32.47 -0.21 13.63
CA PRO C 47 -31.08 0.11 13.29
C PRO C 47 -31.03 1.51 12.68
N GLY C 48 -29.86 1.99 12.34
CA GLY C 48 -29.79 3.33 11.78
C GLY C 48 -28.83 4.12 12.61
N ALA C 49 -27.86 4.72 11.92
CA ALA C 49 -26.84 5.56 12.54
C ALA C 49 -26.07 4.74 13.58
N SER C 50 -25.68 3.52 13.20
CA SER C 50 -24.76 2.70 13.98
C SER C 50 -25.33 2.45 15.38
N GLY C 51 -26.65 2.38 15.45
CA GLY C 51 -27.40 2.19 16.70
C GLY C 51 -27.90 3.46 17.37
N ASN C 52 -27.64 4.63 16.80
CA ASN C 52 -28.05 5.87 17.51
C ASN C 52 -29.58 6.09 17.49
N VAL C 53 -30.24 5.65 16.43
CA VAL C 53 -31.72 5.76 16.31
C VAL C 53 -32.38 4.98 17.49
N GLY C 54 -31.95 3.72 17.64
CA GLY C 54 -32.41 2.84 18.71
C GLY C 54 -32.04 3.43 20.06
N ALA C 55 -30.78 3.85 20.21
CA ALA C 55 -30.34 4.45 21.49
C ALA C 55 -31.21 5.65 21.87
N ARG C 56 -31.44 6.57 20.92
CA ARG C 56 -32.25 7.76 21.21
C ARG C 56 -33.66 7.37 21.69
N LEU C 57 -34.28 6.41 21.01
CA LEU C 57 -35.58 5.89 21.40
C LEU C 57 -35.65 5.42 22.87
N VAL C 58 -34.69 4.58 23.25
CA VAL C 58 -34.64 4.06 24.61
C VAL C 58 -34.31 5.13 25.64
N ALA C 59 -33.35 6.02 25.34
CA ALA C 59 -33.04 7.11 26.23
C ALA C 59 -34.28 7.93 26.57
N ASP C 60 -35.22 7.98 25.63
CA ASP C 60 -36.44 8.77 25.77
C ASP C 60 -37.52 8.01 26.51
N ARG C 61 -37.30 6.72 26.78
CA ARG C 61 -38.31 5.92 27.50
C ARG C 61 -38.32 6.09 29.02
N ALA C 62 -39.43 5.71 29.66
CA ALA C 62 -39.50 5.79 31.11
C ALA C 62 -38.44 4.89 31.75
N PRO C 63 -37.86 5.32 32.88
CA PRO C 63 -36.79 4.51 33.46
C PRO C 63 -37.36 3.43 34.37
N ASP C 64 -38.19 2.55 33.81
CA ASP C 64 -38.93 1.58 34.62
C ASP C 64 -38.52 0.13 34.38
N GLY C 65 -37.54 -0.08 33.49
CA GLY C 65 -37.05 -1.38 33.12
C GLY C 65 -37.80 -2.12 32.04
N TYR C 66 -38.89 -1.55 31.51
CA TYR C 66 -39.65 -2.20 30.46
C TYR C 66 -39.17 -1.89 29.06
N SER C 67 -38.32 -0.89 28.96
CA SER C 67 -37.64 -0.52 27.71
C SER C 67 -36.15 -0.75 27.85
N LEU C 68 -35.62 -1.61 26.99
CA LEU C 68 -34.19 -1.96 27.05
C LEU C 68 -33.58 -1.80 25.68
N LEU C 69 -32.28 -1.56 25.66
CA LEU C 69 -31.52 -1.40 24.43
C LEU C 69 -30.51 -2.52 24.35
N MET C 70 -30.59 -3.32 23.28
CA MET C 70 -29.55 -4.37 23.09
C MET C 70 -28.46 -3.71 22.30
N VAL C 71 -27.25 -3.69 22.91
CA VAL C 71 -26.07 -3.01 22.36
C VAL C 71 -24.92 -3.99 22.10
N ASN C 72 -24.00 -3.58 21.25
CA ASN C 72 -22.69 -4.19 21.23
C ASN C 72 -21.65 -3.08 21.44
N SER C 73 -20.37 -3.42 21.40
CA SER C 73 -19.32 -2.41 21.58
C SER C 73 -19.46 -1.15 20.73
N SER C 74 -20.14 -1.23 19.59
CA SER C 74 -20.41 -0.01 18.78
C SER C 74 -20.97 1.13 19.61
N PHE C 75 -21.83 0.82 20.57
CA PHE C 75 -22.37 1.83 21.50
C PHE C 75 -21.24 2.64 22.13
N ALA C 76 -20.13 1.98 22.45
CA ALA C 76 -19.02 2.69 23.13
C ALA C 76 -18.11 3.43 22.13
N VAL C 77 -18.19 3.06 20.84
CA VAL C 77 -17.41 3.71 19.79
C VAL C 77 -18.04 5.02 19.35
N ASN C 78 -19.37 5.04 19.35
CA ASN C 78 -20.15 6.14 18.80
C ASN C 78 -19.87 7.53 19.35
N PRO C 79 -19.77 7.68 20.69
CA PRO C 79 -19.51 9.06 21.24
C PRO C 79 -18.26 9.77 20.66
N GLY C 80 -17.23 8.98 20.31
CA GLY C 80 -16.00 9.49 19.73
C GLY C 80 -16.07 9.80 18.23
N VAL C 81 -16.95 9.12 17.50
CA VAL C 81 -16.99 9.25 16.05
C VAL C 81 -18.17 10.08 15.51
N PHE C 82 -19.16 10.34 16.34
CA PHE C 82 -20.27 11.18 15.91
C PHE C 82 -20.05 12.59 16.45
N ARG C 83 -20.21 13.61 15.58
CA ARG C 83 -19.95 14.99 15.98
C ARG C 83 -20.93 15.52 17.02
N ASN C 84 -22.23 15.24 16.86
CA ASN C 84 -23.29 15.76 17.75
C ASN C 84 -24.31 14.68 18.14
N LEU C 85 -23.92 13.80 19.05
CA LEU C 85 -24.77 12.71 19.53
C LEU C 85 -25.98 13.29 20.30
N PRO C 86 -27.21 12.79 19.99
CA PRO C 86 -28.42 13.35 20.56
C PRO C 86 -28.74 12.80 21.96
N PHE C 87 -27.72 12.38 22.69
CA PHE C 87 -27.93 11.91 24.03
C PHE C 87 -26.56 11.87 24.66
N ASP C 88 -26.53 11.66 25.95
CA ASP C 88 -25.30 11.49 26.71
C ASP C 88 -25.11 9.98 26.89
N PRO C 89 -24.03 9.42 26.29
CA PRO C 89 -23.81 7.97 26.28
C PRO C 89 -23.53 7.40 27.67
N LYS C 90 -23.09 8.25 28.59
CA LYS C 90 -22.78 7.80 29.95
C LYS C 90 -23.95 8.02 30.91
N LYS C 91 -24.63 9.15 30.82
CA LYS C 91 -25.67 9.45 31.80
C LYS C 91 -27.10 9.03 31.39
N ASP C 92 -27.34 8.91 30.09
CA ASP C 92 -28.69 8.62 29.64
C ASP C 92 -29.00 7.13 29.59
N PHE C 93 -27.96 6.31 29.82
CA PHE C 93 -28.11 4.86 29.85
C PHE C 93 -27.45 4.24 31.09
N ALA C 94 -28.04 3.15 31.57
CA ALA C 94 -27.46 2.39 32.68
C ALA C 94 -27.43 0.90 32.29
N ALA C 95 -26.29 0.24 32.53
CA ALA C 95 -26.12 -1.13 32.09
C ALA C 95 -26.88 -2.13 32.94
N VAL C 96 -27.34 -3.20 32.28
CA VAL C 96 -28.02 -4.28 33.00
C VAL C 96 -27.10 -5.49 33.01
N ILE C 97 -26.72 -5.97 31.84
CA ILE C 97 -25.96 -7.20 31.78
C ILE C 97 -25.20 -7.28 30.43
N ASN C 98 -23.95 -7.71 30.51
CA ASN C 98 -23.18 -8.17 29.37
C ASN C 98 -23.29 -9.70 29.25
N VAL C 99 -23.79 -10.17 28.11
CA VAL C 99 -24.12 -11.59 27.94
C VAL C 99 -23.15 -12.40 27.08
N ALA C 100 -22.38 -11.73 26.23
CA ALA C 100 -21.56 -12.52 25.31
C ALA C 100 -20.51 -11.63 24.69
N TYR C 101 -19.36 -12.24 24.38
CA TYR C 101 -18.35 -11.62 23.55
C TYR C 101 -18.22 -12.34 22.23
N VAL C 102 -17.83 -11.60 21.20
CA VAL C 102 -17.30 -12.23 20.00
C VAL C 102 -16.03 -11.49 19.53
N PRO C 103 -14.88 -12.20 19.44
CA PRO C 103 -13.69 -11.45 19.02
C PRO C 103 -13.72 -11.20 17.55
N SER C 104 -12.97 -10.20 17.10
CA SER C 104 -12.77 -10.02 15.67
C SER C 104 -11.58 -10.87 15.27
N VAL C 105 -11.54 -11.21 14.00
CA VAL C 105 -10.51 -12.06 13.46
C VAL C 105 -9.95 -11.35 12.23
N PHE C 106 -8.62 -11.36 12.12
CA PHE C 106 -7.90 -10.90 10.93
C PHE C 106 -7.83 -12.06 9.99
N VAL C 107 -8.53 -11.95 8.87
CA VAL C 107 -8.60 -13.04 7.88
C VAL C 107 -8.02 -12.67 6.53
N VAL C 108 -7.41 -13.66 5.86
CA VAL C 108 -6.80 -13.47 4.55
C VAL C 108 -7.26 -14.63 3.65
N PRO C 109 -7.29 -14.40 2.32
CA PRO C 109 -7.69 -15.51 1.45
C PRO C 109 -6.84 -16.74 1.66
N ALA C 110 -7.43 -17.91 1.42
CA ALA C 110 -6.67 -19.12 1.32
C ALA C 110 -5.55 -18.86 0.34
N GLY C 111 -4.34 -19.25 0.73
CA GLY C 111 -3.17 -19.07 -0.12
C GLY C 111 -2.55 -17.68 -0.12
N SER C 112 -2.98 -16.86 0.85
CA SER C 112 -2.42 -15.53 1.04
C SER C 112 -0.95 -15.60 1.33
N LYS C 113 -0.25 -14.54 0.97
CA LYS C 113 1.17 -14.48 1.25
C LYS C 113 1.41 -14.30 2.75
N TYR C 114 0.40 -13.80 3.46
CA TYR C 114 0.53 -13.57 4.89
C TYR C 114 0.14 -14.81 5.66
N LYS C 115 1.13 -15.40 6.32
CA LYS C 115 0.96 -16.65 7.07
C LYS C 115 0.76 -16.39 8.57
N THR C 116 1.25 -15.23 9.05
CA THR C 116 1.16 -14.86 10.43
C THR C 116 0.82 -13.39 10.54
N LEU C 117 0.37 -12.96 11.71
CA LEU C 117 0.14 -11.52 11.86
C LEU C 117 1.47 -10.78 11.85
N GLY C 118 2.53 -11.44 12.32
CA GLY C 118 3.89 -10.88 12.22
C GLY C 118 4.23 -10.47 10.79
N GLU C 119 3.94 -11.34 9.83
CA GLU C 119 4.19 -11.01 8.41
C GLU C 119 3.36 -9.82 7.90
N LEU C 120 2.10 -9.74 8.35
CA LEU C 120 1.19 -8.65 7.93
C LEU C 120 1.74 -7.35 8.49
N MET C 121 2.11 -7.38 9.79
CA MET C 121 2.61 -6.17 10.46
C MET C 121 3.91 -5.65 9.84
N ALA C 122 4.83 -6.56 9.53
CA ALA C 122 6.05 -6.21 8.79
C ALA C 122 5.73 -5.49 7.47
N ALA C 123 4.75 -6.01 6.75
CA ALA C 123 4.35 -5.44 5.47
C ALA C 123 3.81 -4.04 5.62
N ALA C 124 3.10 -3.83 6.72
CA ALA C 124 2.44 -2.56 6.97
C ALA C 124 3.26 -1.66 7.84
N LYS C 125 4.52 -2.01 8.08
CA LYS C 125 5.30 -1.26 9.09
C LYS C 125 5.63 0.13 8.62
N GLN C 126 6.05 0.26 7.36
CA GLN C 126 6.48 1.55 6.83
C GLN C 126 5.31 2.44 6.43
N THR C 127 5.54 3.74 6.49
CA THR C 127 4.55 4.72 6.03
C THR C 127 4.43 4.52 4.52
N ASN C 128 3.34 5.02 3.93
CA ASN C 128 3.19 4.96 2.47
C ASN C 128 3.23 3.54 1.93
N THR C 129 2.58 2.64 2.67
CA THR C 129 2.43 1.25 2.27
C THR C 129 0.95 0.99 1.95
N GLN C 130 0.68 -0.15 1.30
CA GLN C 130 -0.62 -0.42 0.72
C GLN C 130 -1.28 -1.67 1.28
N VAL C 131 -0.99 -2.03 2.52
CA VAL C 131 -1.75 -3.13 3.16
C VAL C 131 -3.10 -2.56 3.52
N THR C 132 -4.08 -3.05 2.81
CA THR C 132 -5.39 -2.54 2.87
C THR C 132 -6.20 -3.60 3.69
N TYR C 133 -7.21 -3.16 4.46
CA TYR C 133 -8.06 -4.12 5.20
C TYR C 133 -9.50 -3.69 5.18
N GLY C 134 -10.35 -4.65 4.84
CA GLY C 134 -11.80 -4.52 4.91
C GLY C 134 -12.24 -4.63 6.37
N SER C 135 -13.35 -4.00 6.69
CA SER C 135 -14.02 -4.27 7.93
C SER C 135 -15.53 -4.29 7.71
N CYS C 136 -16.25 -4.55 8.80
CA CYS C 136 -17.73 -4.61 8.85
C CYS C 136 -18.34 -3.22 8.73
N GLY C 137 -17.51 -2.18 8.67
CA GLY C 137 -18.00 -0.83 8.47
C GLY C 137 -17.25 0.30 9.14
N ASN C 138 -17.40 1.48 8.58
CA ASN C 138 -16.79 2.67 9.16
C ASN C 138 -17.23 2.86 10.62
N GLY C 139 -16.27 2.92 11.54
CA GLY C 139 -16.59 3.12 12.96
C GLY C 139 -17.09 1.88 13.70
N THR C 140 -17.05 0.71 13.08
CA THR C 140 -17.42 -0.54 13.79
C THR C 140 -16.25 -0.92 14.74
N PRO C 141 -16.52 -1.78 15.75
CA PRO C 141 -15.44 -2.35 16.56
C PRO C 141 -14.41 -3.09 15.72
N GLN C 142 -14.80 -3.68 14.59
CA GLN C 142 -13.87 -4.35 13.66
C GLN C 142 -12.93 -3.36 12.97
N HIS C 143 -13.47 -2.30 12.41
CA HIS C 143 -12.64 -1.16 11.97
C HIS C 143 -11.64 -0.71 13.06
N LEU C 144 -12.14 -0.44 14.27
CA LEU C 144 -11.26 0.04 15.33
C LEU C 144 -10.17 -0.96 15.74
N ALA C 145 -10.44 -2.25 15.60
CA ALA C 145 -9.43 -3.26 15.90
C ALA C 145 -8.24 -3.11 14.95
N GLY C 146 -8.53 -2.79 13.68
CA GLY C 146 -7.44 -2.48 12.73
C GLY C 146 -6.71 -1.21 13.13
N GLU C 147 -7.44 -0.15 13.47
CA GLU C 147 -6.80 1.14 13.82
C GLU C 147 -6.00 1.03 15.13
N LEU C 148 -6.54 0.27 16.08
CA LEU C 148 -5.85 0.01 17.33
C LEU C 148 -4.54 -0.71 17.08
N LEU C 149 -4.54 -1.65 16.12
CA LEU C 149 -3.30 -2.36 15.76
C LEU C 149 -2.29 -1.40 15.15
N ASN C 150 -2.77 -0.54 14.25
CA ASN C 150 -1.92 0.49 13.66
C ASN C 150 -1.28 1.32 14.75
N VAL C 151 -2.10 1.79 15.69
CA VAL C 151 -1.57 2.67 16.77
C VAL C 151 -0.59 1.90 17.68
N SER C 152 -0.97 0.69 18.04
CA SER C 152 -0.20 -0.08 19.03
C SER C 152 1.08 -0.68 18.48
N ALA C 153 1.02 -1.18 17.25
CA ALA C 153 2.16 -1.80 16.56
C ALA C 153 2.99 -0.82 15.71
N LYS C 154 2.51 0.41 15.59
CA LYS C 154 3.09 1.47 14.78
C LYS C 154 3.08 1.09 13.30
N THR C 155 1.92 0.81 12.79
CA THR C 155 1.82 0.13 11.54
C THR C 155 0.88 1.01 10.69
N HIS C 156 0.73 0.76 9.37
CA HIS C 156 0.04 1.74 8.48
C HIS C 156 -0.95 1.07 7.52
N MET C 157 -1.73 0.13 8.08
CA MET C 157 -2.78 -0.52 7.29
C MET C 157 -3.84 0.49 6.92
N VAL C 158 -4.42 0.33 5.72
CA VAL C 158 -5.38 1.26 5.19
C VAL C 158 -6.76 0.64 5.22
N HIS C 159 -7.67 1.28 5.94
CA HIS C 159 -9.04 0.77 6.10
C HIS C 159 -9.90 0.99 4.86
N VAL C 160 -10.53 -0.10 4.42
CA VAL C 160 -11.53 -0.04 3.38
C VAL C 160 -12.89 -0.50 3.93
N PRO C 161 -13.86 0.42 4.08
CA PRO C 161 -15.08 -0.03 4.75
C PRO C 161 -16.00 -0.83 3.81
N TYR C 162 -16.70 -1.79 4.41
CA TYR C 162 -17.76 -2.51 3.70
C TYR C 162 -19.05 -2.35 4.48
N LYS C 163 -20.17 -2.67 3.84
CA LYS C 163 -21.47 -2.58 4.50
C LYS C 163 -21.75 -3.93 5.17
N GLY C 164 -21.10 -4.17 6.28
CA GLY C 164 -21.24 -5.42 7.04
C GLY C 164 -20.12 -6.41 6.83
N CYS C 165 -20.12 -7.45 7.65
CA CYS C 165 -19.04 -8.44 7.58
C CYS C 165 -19.27 -9.30 6.32
N GLY C 166 -20.53 -9.43 5.89
CA GLY C 166 -20.86 -10.20 4.67
C GLY C 166 -20.09 -9.76 3.43
N PRO C 167 -20.32 -8.50 2.98
CA PRO C 167 -19.63 -7.88 1.85
C PRO C 167 -18.11 -7.88 2.01
N ALA C 168 -17.61 -7.65 3.22
CA ALA C 168 -16.16 -7.80 3.49
C ALA C 168 -15.64 -9.22 3.24
N LEU C 169 -16.32 -10.21 3.80
CA LEU C 169 -15.93 -11.62 3.58
C LEU C 169 -16.01 -11.96 2.09
N ASN C 170 -17.06 -11.49 1.45
CA ASN C 170 -17.19 -11.73 0.00
C ASN C 170 -15.90 -11.33 -0.73
N ASP C 171 -15.39 -10.13 -0.43
CA ASP C 171 -14.20 -9.61 -1.11
C ASP C 171 -12.93 -10.30 -0.72
N VAL C 172 -12.79 -10.68 0.55
CA VAL C 172 -11.60 -11.44 0.92
C VAL C 172 -11.71 -12.90 0.36
N LEU C 173 -12.87 -13.51 0.44
CA LEU C 173 -13.07 -14.87 -0.15
C LEU C 173 -12.74 -14.92 -1.65
N GLY C 174 -13.13 -13.87 -2.37
CA GLY C 174 -12.80 -13.77 -3.78
C GLY C 174 -11.53 -13.04 -4.11
N SER C 175 -10.70 -12.75 -3.11
CA SER C 175 -9.38 -12.08 -3.29
C SER C 175 -9.42 -10.65 -3.86
N GLN C 176 -10.56 -9.99 -3.75
CA GLN C 176 -10.66 -8.61 -4.19
C GLN C 176 -9.94 -7.69 -3.21
N ILE C 177 -9.84 -8.13 -1.95
CA ILE C 177 -9.03 -7.46 -0.94
C ILE C 177 -8.27 -8.57 -0.25
N GLY C 178 -7.06 -8.27 0.22
CA GLY C 178 -6.22 -9.29 0.77
C GLY C 178 -6.36 -9.50 2.27
N LEU C 179 -7.21 -8.71 2.93
CA LEU C 179 -7.33 -8.83 4.38
C LEU C 179 -8.61 -8.19 4.83
N ALA C 180 -9.26 -8.78 5.81
CA ALA C 180 -10.39 -8.13 6.43
C ALA C 180 -10.41 -8.42 7.93
N VAL C 181 -11.07 -7.55 8.68
CA VAL C 181 -11.27 -7.76 10.12
C VAL C 181 -12.78 -7.85 10.30
N VAL C 182 -13.23 -9.02 10.70
CA VAL C 182 -14.67 -9.27 10.80
C VAL C 182 -14.91 -10.02 12.11
N THR C 183 -16.16 -10.15 12.52
CA THR C 183 -16.47 -10.95 13.72
C THR C 183 -16.04 -12.39 13.52
N ALA C 184 -15.55 -13.02 14.57
CA ALA C 184 -15.23 -14.47 14.49
C ALA C 184 -16.41 -15.34 14.07
N SER C 185 -17.59 -14.99 14.54
CA SER C 185 -18.75 -15.79 14.27
C SER C 185 -19.00 -15.79 12.75
N SER C 186 -18.84 -14.64 12.11
CA SER C 186 -19.04 -14.60 10.67
C SER C 186 -17.99 -15.37 9.84
N ALA C 187 -16.74 -15.33 10.29
CA ALA C 187 -15.60 -15.92 9.56
C ALA C 187 -15.45 -17.43 9.79
N ILE C 188 -15.87 -17.91 10.98
CA ILE C 188 -15.58 -19.29 11.41
C ILE C 188 -16.01 -20.36 10.34
N PRO C 189 -17.25 -20.27 9.82
CA PRO C 189 -17.66 -21.21 8.75
C PRO C 189 -16.61 -21.31 7.60
N PHE C 190 -16.13 -20.16 7.14
CA PHE C 190 -15.21 -20.12 6.00
C PHE C 190 -13.79 -20.58 6.32
N ILE C 191 -13.37 -20.29 7.54
CA ILE C 191 -12.10 -20.76 8.08
C ILE C 191 -12.13 -22.29 8.22
N LYS C 192 -13.24 -22.80 8.73
CA LYS C 192 -13.42 -24.25 8.85
C LYS C 192 -13.48 -24.96 7.48
N ALA C 193 -14.11 -24.31 6.51
CA ALA C 193 -14.16 -24.80 5.13
C ALA C 193 -12.80 -24.68 4.40
N GLY C 194 -11.81 -24.10 5.08
CA GLY C 194 -10.49 -23.83 4.53
C GLY C 194 -10.48 -22.74 3.46
N LYS C 195 -11.48 -21.88 3.42
CA LYS C 195 -11.52 -20.82 2.40
C LYS C 195 -10.77 -19.53 2.81
N LEU C 196 -10.56 -19.39 4.11
CA LEU C 196 -9.86 -18.25 4.69
C LEU C 196 -8.90 -18.80 5.68
N GLN C 197 -7.82 -18.05 5.91
CA GLN C 197 -6.92 -18.33 7.02
C GLN C 197 -7.03 -17.15 7.99
N ALA C 198 -6.96 -17.43 9.29
CA ALA C 198 -7.10 -16.39 10.29
C ALA C 198 -5.72 -16.11 10.81
N LEU C 199 -5.33 -14.85 10.90
CA LEU C 199 -4.00 -14.54 11.43
C LEU C 199 -3.97 -14.24 12.93
N ALA C 200 -5.11 -13.81 13.48
CA ALA C 200 -5.13 -13.33 14.86
C ALA C 200 -6.58 -13.13 15.21
N VAL C 201 -6.83 -13.28 16.50
CA VAL C 201 -8.06 -12.83 17.12
C VAL C 201 -7.74 -11.71 18.08
N THR C 202 -8.76 -10.92 18.33
CA THR C 202 -8.63 -9.64 19.00
C THR C 202 -8.95 -9.72 20.50
N SER C 203 -9.31 -10.91 20.95
CA SER C 203 -9.54 -11.18 22.36
C SER C 203 -8.23 -11.39 23.14
N LYS C 204 -8.30 -11.34 24.46
CA LYS C 204 -7.09 -11.60 25.25
C LYS C 204 -6.72 -13.09 25.38
N GLU C 205 -7.69 -13.98 25.16
CA GLU C 205 -7.40 -15.40 25.08
C GLU C 205 -7.82 -15.86 23.71
N ARG C 206 -7.23 -16.95 23.23
CA ARG C 206 -7.75 -17.57 22.00
C ARG C 206 -9.25 -17.97 22.09
N SER C 207 -9.89 -17.89 20.94
CA SER C 207 -11.27 -18.23 20.75
C SER C 207 -11.40 -19.77 20.59
N ALA C 208 -12.36 -20.35 21.30
CA ALA C 208 -12.46 -21.79 21.47
C ALA C 208 -12.60 -22.57 20.16
N LEU C 209 -13.24 -21.98 19.14
CA LEU C 209 -13.41 -22.71 17.90
C LEU C 209 -12.26 -22.45 16.95
N LEU C 210 -11.39 -21.51 17.32
CA LEU C 210 -10.21 -21.20 16.55
C LEU C 210 -8.95 -21.38 17.42
N PRO C 211 -8.78 -22.57 18.04
CA PRO C 211 -7.73 -22.79 19.04
C PRO C 211 -6.33 -22.60 18.51
N GLU C 212 -6.11 -22.68 17.18
CA GLU C 212 -4.76 -22.49 16.66
C GLU C 212 -4.47 -21.06 16.29
N VAL C 213 -5.50 -20.22 16.26
CA VAL C 213 -5.23 -18.81 15.97
C VAL C 213 -4.86 -17.96 17.16
N PRO C 214 -3.64 -17.39 17.10
CA PRO C 214 -3.19 -16.59 18.21
C PRO C 214 -3.95 -15.27 18.31
N THR C 215 -3.95 -14.78 19.52
CA THR C 215 -4.39 -13.50 19.92
C THR C 215 -3.42 -12.48 19.27
N VAL C 216 -3.89 -11.28 19.00
CA VAL C 216 -2.98 -10.20 18.55
C VAL C 216 -1.86 -9.98 19.65
N ALA C 217 -2.26 -10.01 20.92
CA ALA C 217 -1.35 -9.70 22.04
C ALA C 217 -0.18 -10.67 22.09
N GLU C 218 -0.44 -11.95 21.86
CA GLU C 218 0.60 -12.97 21.97
C GLU C 218 1.51 -12.91 20.73
N GLN C 219 1.16 -12.04 19.78
CA GLN C 219 2.00 -11.81 18.60
C GLN C 219 2.98 -10.58 18.44
N GLY C 220 3.69 -9.98 19.39
CA GLY C 220 3.35 -9.50 20.65
C GLY C 220 3.11 -8.01 20.50
N VAL C 221 1.84 -7.71 20.60
CA VAL C 221 1.39 -6.39 20.78
C VAL C 221 0.81 -6.45 22.18
N ALA C 222 1.69 -6.41 23.18
CA ALA C 222 1.31 -6.52 24.61
C ALA C 222 0.18 -5.60 24.99
N GLY C 223 -0.80 -6.13 25.70
CA GLY C 223 -1.93 -5.32 26.15
C GLY C 223 -3.09 -5.13 25.17
N TYR C 224 -2.90 -5.51 23.90
CA TYR C 224 -3.93 -5.32 22.90
C TYR C 224 -5.13 -6.20 23.19
N GLU C 225 -6.30 -5.60 23.28
CA GLU C 225 -7.55 -6.34 23.16
C GLU C 225 -8.66 -5.47 22.62
N LEU C 226 -9.55 -6.08 21.86
CA LEU C 226 -10.82 -5.43 21.47
C LEU C 226 -11.80 -6.53 21.11
N ASN C 227 -12.35 -7.09 22.17
CA ASN C 227 -13.34 -8.14 22.06
C ASN C 227 -14.71 -7.44 22.11
N GLN C 228 -15.59 -7.81 21.20
CA GLN C 228 -16.86 -7.12 21.10
C GLN C 228 -17.85 -7.71 22.09
N TRP C 229 -18.28 -6.90 23.06
CA TRP C 229 -19.31 -7.32 23.99
C TRP C 229 -20.70 -7.04 23.46
N HIS C 230 -21.69 -7.65 24.10
CA HIS C 230 -23.11 -7.56 23.72
C HIS C 230 -23.90 -7.58 25.01
N GLY C 231 -24.80 -6.64 25.17
CA GLY C 231 -25.56 -6.57 26.40
C GLY C 231 -26.78 -5.72 26.28
N LEU C 232 -27.42 -5.49 27.43
CA LEU C 232 -28.65 -4.74 27.55
C LEU C 232 -28.41 -3.54 28.46
N LEU C 233 -28.89 -2.37 28.03
CA LEU C 233 -28.91 -1.17 28.83
C LEU C 233 -30.35 -0.73 29.02
N VAL C 234 -30.58 0.02 30.09
CA VAL C 234 -31.87 0.67 30.31
C VAL C 234 -31.66 2.19 30.37
N PRO C 235 -32.74 3.01 30.34
CA PRO C 235 -32.56 4.45 30.63
C PRO C 235 -31.74 4.72 31.92
N GLY C 236 -30.89 5.75 31.88
CA GLY C 236 -29.90 6.04 32.93
C GLY C 236 -30.48 6.11 34.34
N ALA C 237 -31.71 6.59 34.43
CA ALA C 237 -32.37 6.82 35.73
C ALA C 237 -33.00 5.55 36.36
N THR C 238 -32.98 4.42 35.67
CA THR C 238 -33.73 3.27 36.22
C THR C 238 -33.08 2.74 37.49
N PRO C 239 -33.90 2.57 38.55
CA PRO C 239 -33.43 2.20 39.87
C PRO C 239 -32.55 0.98 39.78
N MET C 240 -31.45 0.95 40.51
CA MET C 240 -30.63 -0.21 40.57
C MET C 240 -31.41 -1.51 40.87
N ALA C 241 -32.43 -1.46 41.74
CA ALA C 241 -33.18 -2.70 42.05
C ALA C 241 -33.80 -3.30 40.81
N VAL C 242 -34.24 -2.46 39.87
CA VAL C 242 -34.82 -2.93 38.59
C VAL C 242 -33.72 -3.51 37.68
N ARG C 243 -32.59 -2.81 37.58
CA ARG C 243 -31.45 -3.32 36.82
C ARG C 243 -30.99 -4.68 37.35
N GLN C 244 -30.93 -4.81 38.68
CA GLN C 244 -30.62 -6.11 39.29
C GLN C 244 -31.58 -7.24 39.00
N LYS C 245 -32.88 -6.95 38.99
CA LYS C 245 -33.92 -7.95 38.76
C LYS C 245 -33.89 -8.39 37.29
N LEU C 246 -33.78 -7.42 36.39
CA LEU C 246 -33.47 -7.73 35.00
C LEU C 246 -32.23 -8.61 34.82
N TYR C 247 -31.12 -8.20 35.44
CA TYR C 247 -29.90 -9.00 35.45
C TYR C 247 -30.14 -10.42 35.94
N ASP C 248 -30.81 -10.58 37.10
CA ASP C 248 -31.04 -11.92 37.65
C ASP C 248 -31.75 -12.81 36.63
N GLY C 249 -32.81 -12.28 36.04
CA GLY C 249 -33.59 -13.05 35.07
C GLY C 249 -32.80 -13.41 33.80
N ILE C 250 -32.05 -12.45 33.28
CA ILE C 250 -31.32 -12.72 32.05
C ILE C 250 -30.11 -13.61 32.33
N ALA C 251 -29.47 -13.40 33.47
CA ALA C 251 -28.32 -14.22 33.87
C ALA C 251 -28.70 -15.70 33.99
N LYS C 252 -29.96 -15.95 34.41
CA LYS C 252 -30.47 -17.30 34.50
C LYS C 252 -30.61 -17.92 33.10
N VAL C 253 -31.04 -17.11 32.13
CA VAL C 253 -31.13 -17.55 30.77
C VAL C 253 -29.75 -17.94 30.24
N MET C 254 -28.75 -17.10 30.55
CA MET C 254 -27.38 -17.28 30.02
C MET C 254 -26.68 -18.50 30.65
N GLN C 255 -27.15 -18.87 31.85
CA GLN C 255 -26.69 -20.05 32.59
C GLN C 255 -27.11 -21.37 31.97
N ARG C 256 -28.15 -21.34 31.12
CA ARG C 256 -28.68 -22.55 30.51
C ARG C 256 -27.66 -23.27 29.63
N ASP C 257 -27.66 -24.60 29.75
CA ASP C 257 -26.68 -25.42 29.05
C ASP C 257 -26.92 -25.32 27.55
N ASP C 258 -28.20 -25.28 27.16
CA ASP C 258 -28.52 -25.23 25.74
C ASP C 258 -28.14 -23.89 25.10
N VAL C 259 -28.33 -22.81 25.84
CA VAL C 259 -27.93 -21.46 25.38
C VAL C 259 -26.39 -21.37 25.28
N GLN C 260 -25.73 -21.88 26.30
CA GLN C 260 -24.29 -21.90 26.36
C GLN C 260 -23.72 -22.65 25.21
N LYS C 261 -24.31 -23.81 24.92
CA LYS C 261 -23.89 -24.64 23.80
C LYS C 261 -24.13 -23.94 22.46
N LYS C 262 -25.31 -23.35 22.29
CA LYS C 262 -25.61 -22.69 21.03
C LYS C 262 -24.59 -21.59 20.73
N LEU C 263 -24.29 -20.79 21.75
CA LEU C 263 -23.39 -19.68 21.58
C LEU C 263 -21.96 -20.13 21.37
N ALA C 264 -21.51 -21.10 22.16
CA ALA C 264 -20.17 -21.69 21.98
C ALA C 264 -19.99 -22.17 20.53
N ASP C 265 -21.00 -22.85 20.00
CA ASP C 265 -20.87 -23.48 18.68
C ASP C 265 -20.84 -22.45 17.54
N LEU C 266 -21.22 -21.21 17.84
CA LEU C 266 -21.25 -20.11 16.86
C LEU C 266 -20.04 -19.19 17.03
N GLY C 267 -19.26 -19.36 18.10
CA GLY C 267 -18.07 -18.54 18.24
C GLY C 267 -18.09 -17.48 19.34
N TYR C 268 -19.17 -17.47 20.12
CA TYR C 268 -19.28 -16.50 21.21
C TYR C 268 -18.73 -17.08 22.49
N SER C 269 -18.34 -16.17 23.38
CA SER C 269 -18.03 -16.51 24.75
C SER C 269 -19.16 -15.95 25.56
N THR C 270 -19.71 -16.74 26.44
CA THR C 270 -20.73 -16.27 27.32
C THR C 270 -20.14 -15.41 28.40
N ALA C 271 -20.91 -14.41 28.81
CA ALA C 271 -20.52 -13.56 29.90
C ALA C 271 -21.75 -13.33 30.79
N SER C 272 -21.57 -12.68 31.93
CA SER C 272 -22.67 -12.40 32.82
C SER C 272 -22.25 -11.27 33.74
N ASP C 273 -21.81 -10.17 33.12
CA ASP C 273 -21.31 -9.04 33.89
C ASP C 273 -22.52 -8.25 34.32
N GLY C 274 -22.63 -8.00 35.64
CA GLY C 274 -23.75 -7.28 36.24
C GLY C 274 -23.83 -5.79 35.94
N PRO C 275 -24.92 -5.13 36.41
CA PRO C 275 -25.13 -3.71 36.22
C PRO C 275 -23.89 -2.86 36.46
N GLU C 276 -23.19 -3.08 37.57
CA GLU C 276 -22.02 -2.26 37.92
C GLU C 276 -20.79 -2.53 37.07
N VAL C 277 -20.46 -3.82 36.93
CA VAL C 277 -19.29 -4.23 36.18
C VAL C 277 -19.44 -3.85 34.69
N PHE C 278 -20.60 -4.16 34.12
CA PHE C 278 -20.90 -3.75 32.74
C PHE C 278 -20.91 -2.24 32.61
N GLN C 279 -21.50 -1.50 33.55
CA GLN C 279 -21.51 -0.04 33.44
C GLN C 279 -20.08 0.50 33.40
N LYS C 280 -19.20 -0.09 34.22
CA LYS C 280 -17.81 0.34 34.28
C LYS C 280 -17.12 0.04 32.95
N MET C 281 -17.40 -1.13 32.41
CA MET C 281 -16.88 -1.56 31.09
C MET C 281 -17.27 -0.58 29.98
N VAL C 282 -18.56 -0.25 29.92
CA VAL C 282 -19.08 0.66 28.90
C VAL C 282 -18.33 2.01 28.99
N GLU C 283 -18.16 2.53 30.19
CA GLU C 283 -17.53 3.84 30.36
C GLU C 283 -16.04 3.84 30.06
N THR C 284 -15.35 2.76 30.48
CA THR C 284 -13.93 2.68 30.18
C THR C 284 -13.73 2.53 28.71
N ASP C 285 -14.62 1.77 28.02
CA ASP C 285 -14.52 1.63 26.57
C ASP C 285 -14.87 2.90 25.82
N ILE C 286 -15.87 3.65 26.28
CA ILE C 286 -16.11 4.98 25.67
C ILE C 286 -14.83 5.83 25.70
N ASP C 287 -14.16 5.82 26.84
CA ASP C 287 -12.98 6.64 27.01
C ASP C 287 -11.84 6.15 26.11
N ARG C 288 -11.62 4.83 26.03
CA ARG C 288 -10.47 4.30 25.28
C ARG C 288 -10.74 4.39 23.79
N PHE C 289 -12.00 4.16 23.39
CA PHE C 289 -12.33 4.28 21.98
C PHE C 289 -12.25 5.74 21.53
N SER C 290 -12.76 6.65 22.33
CA SER C 290 -12.69 8.08 22.04
C SER C 290 -11.21 8.55 21.90
N ALA C 291 -10.34 8.08 22.78
CA ALA C 291 -8.89 8.35 22.70
C ALA C 291 -8.30 7.87 21.36
N LEU C 292 -8.67 6.66 20.96
CA LEU C 292 -8.12 6.07 19.75
C LEU C 292 -8.60 6.86 18.56
N THR C 293 -9.90 7.14 18.58
CA THR C 293 -10.58 7.71 17.48
C THR C 293 -10.23 9.23 17.36
N LYS C 294 -9.97 9.88 18.48
CA LYS C 294 -9.39 11.23 18.43
C LYS C 294 -8.00 11.19 17.79
N GLN C 295 -7.19 10.23 18.21
CA GLN C 295 -5.86 10.06 17.67
C GLN C 295 -5.83 9.91 16.15
N ILE C 296 -6.72 9.08 15.61
CA ILE C 296 -6.68 8.81 14.17
C ILE C 296 -7.49 9.81 13.39
N GLY C 297 -8.20 10.69 14.11
CA GLY C 297 -9.00 11.74 13.50
C GLY C 297 -10.29 11.26 12.83
N LEU C 298 -10.88 10.18 13.36
CA LEU C 298 -12.05 9.57 12.74
C LEU C 298 -13.36 10.18 13.23
N LYS C 299 -14.15 10.67 12.28
CA LYS C 299 -15.53 11.03 12.48
C LYS C 299 -16.29 10.36 11.37
N VAL C 300 -17.54 10.04 11.66
CA VAL C 300 -18.31 9.14 10.86
C VAL C 300 -19.45 9.94 10.20
N ASP C 301 -19.64 11.17 10.69
CA ASP C 301 -20.55 12.10 10.09
C ASP C 301 -19.88 13.48 10.01
C1 CIT D . 4.83 15.37 -4.29
O1 CIT D . 3.94 16.21 -4.51
O2 CIT D . 4.52 14.18 -4.01
C2 CIT D . 6.28 15.80 -4.39
C3 CIT D . 6.66 15.68 -5.87
O7 CIT D . 5.74 16.57 -6.57
C4 CIT D . 6.45 14.28 -6.46
C5 CIT D . 7.05 14.14 -7.85
O3 CIT D . 7.15 13.02 -8.39
O4 CIT D . 7.46 15.16 -8.48
C6 CIT D . 8.10 16.19 -5.99
O5 CIT D . 9.10 15.52 -5.67
O6 CIT D . 8.29 17.31 -6.45
C1 CIT E . -20.96 -4.79 14.46
O1 CIT E . -20.48 -4.26 15.47
O2 CIT E . -20.22 -4.96 13.47
C2 CIT E . -22.40 -5.25 14.46
C3 CIT E . -22.51 -6.76 14.39
O7 CIT E . -21.48 -7.37 15.21
C4 CIT E . -22.36 -7.31 12.97
C5 CIT E . -22.46 -8.83 12.86
O3 CIT E . -22.32 -9.36 11.73
O4 CIT E . -22.69 -9.55 13.86
C6 CIT E . -23.86 -7.20 14.92
O5 CIT E . -23.92 -7.97 15.90
O6 CIT E . -24.92 -6.85 14.37
#